data_8R3Z
#
_entry.id   8R3Z
#
_cell.length_a   1.00
_cell.length_b   1.00
_cell.length_c   1.00
_cell.angle_alpha   90.00
_cell.angle_beta   90.00
_cell.angle_gamma   90.00
#
_symmetry.space_group_name_H-M   'P 1'
#
loop_
_entity.id
_entity.type
_entity.pdbx_description
1 polymer HrAgo1
2 polymer "RNA (5'-R(P*UP*GP*AP*GP*GP*U*(MG))-3')"
3 non-polymer 'MAGNESIUM ION'
#
loop_
_entity_poly.entity_id
_entity_poly.type
_entity_poly.pdbx_seq_one_letter_code
_entity_poly.pdbx_strand_id
1 'polypeptide(L)'
;MSKSQNKGRKSNDAPLASPCCPQKKKIDLEMNLFPVKISNLKISIYSWLIFPKIDNYKVQRNILEIALSEEALYEYIIQK
NKIYQKKRHPNIKRVVLFQNKEFQIEINHLETVYLLDNPTLQNEIFGSICQTVGFEQIGHNYYYSAERQSSQLTQSTKES
LKRIFPAIEIDGGKYYLKQGLTTAIHSTKKNFSIDQGKNAISNVVELEQTSKLIQKKNLLEIIMDLNRKVKDHHKIENLL
IGSRFITHYNNRIYTIHGIAWNKDPTSTFQIRSKLHQNLEITFEEYYKKNYQLKISDLHQPLIIYYPMSSQKSATSSGSQ
DILYFLPEFCHLFGLSNLDADNFRIRQEITRNTQMSPSDRYRKLKTFVENQDILEFFKVWGLDIDSRMISMSGIKLPSLE
IQTQTGVFPINFEQSNWLSLLNRSQVIDAPELKKWMILYPKKSMSLQEARKFSNDFQKIAQQMGMVCRPPQLQGVFDMTK
FLAILKKNPSQHHINSIQLILTITPNRNKTCYRKIKQLCYRDLGIANQNVVLKNLRDQKRRMPIIRNLVRQIICKVPNFN
TKYGGALWKIKNNSIPDKTLIVGIDVWHGRPGIDKSIAGIVFSTDKGLHYTANYTITPRKGLEFIHNLGKIIITQLQNHY
NATRQYFENILIFRDGVGNTQYNKILQEEFKSIQQELTNSSIFSEKHPKIAIILVNKRINRRLFHKNKQGQILNPKPGTF
IEDQYIKSEFSNYYLVPHFSRFGTTRPIHISVIYNNTKYVNFQFVEIANILCHLNYNWAGTVRIPASVEYAHKVADFIGS
NQITSIAPELLQTQFYL
;
A
2 'polyribonucleotide' UGAGGUAGUAGGUUGUAUAGU B
#
# COMPACT_ATOMS: atom_id res chain seq x y z
N ILE A 27 -29.47 -9.41 2.99
CA ILE A 27 -28.61 -9.13 1.85
C ILE A 27 -27.51 -10.19 1.76
N ASP A 28 -27.66 -11.09 0.78
CA ASP A 28 -26.72 -12.19 0.63
C ASP A 28 -25.39 -11.71 0.07
N LEU A 29 -24.30 -12.32 0.55
CA LEU A 29 -22.97 -12.01 0.08
C LEU A 29 -22.19 -13.31 -0.04
N GLU A 30 -21.07 -13.25 -0.75
CA GLU A 30 -20.17 -14.38 -0.92
C GLU A 30 -18.75 -13.94 -0.59
N MET A 31 -18.01 -14.88 -0.02
CA MET A 31 -16.78 -14.60 0.71
C MET A 31 -15.68 -15.41 0.05
N ASN A 32 -14.64 -14.75 -0.47
CA ASN A 32 -13.70 -15.47 -1.30
C ASN A 32 -12.74 -16.31 -0.46
N LEU A 33 -13.29 -17.10 0.45
CA LEU A 33 -12.54 -18.09 1.21
C LEU A 33 -13.14 -19.45 0.93
N PHE A 34 -12.40 -20.29 0.25
CA PHE A 34 -12.94 -21.61 -0.06
C PHE A 34 -12.71 -22.56 1.10
N PRO A 35 -13.74 -23.22 1.61
CA PRO A 35 -13.55 -24.17 2.71
C PRO A 35 -12.80 -25.41 2.25
N VAL A 36 -11.60 -25.60 2.76
CA VAL A 36 -10.74 -26.71 2.34
C VAL A 36 -10.75 -27.77 3.43
N LYS A 37 -11.12 -28.99 3.07
CA LYS A 37 -11.05 -30.13 3.96
C LYS A 37 -9.65 -30.73 3.85
N ILE A 38 -8.93 -30.77 4.96
CA ILE A 38 -7.53 -31.20 4.96
C ILE A 38 -7.44 -32.56 5.61
N SER A 39 -6.95 -33.54 4.86
CA SER A 39 -6.71 -34.87 5.40
C SER A 39 -5.40 -34.89 6.17
N ASN A 40 -5.38 -35.68 7.25
CA ASN A 40 -4.21 -35.77 8.11
C ASN A 40 -3.16 -36.68 7.50
N LEU A 41 -2.68 -36.28 6.32
CA LEU A 41 -1.65 -37.05 5.64
C LEU A 41 -0.34 -36.97 6.40
N LYS A 42 0.37 -38.10 6.46
CA LYS A 42 1.68 -38.17 7.10
C LYS A 42 2.73 -37.79 6.08
N ILE A 43 3.41 -36.67 6.32
CA ILE A 43 4.37 -36.10 5.38
C ILE A 43 5.77 -36.40 5.87
N SER A 44 6.63 -36.90 4.98
CA SER A 44 8.02 -37.19 5.29
C SER A 44 8.92 -36.21 4.56
N ILE A 45 9.91 -35.69 5.28
CA ILE A 45 10.83 -34.68 4.78
C ILE A 45 12.19 -35.34 4.58
N TYR A 46 12.71 -35.26 3.36
CA TYR A 46 14.00 -35.84 3.03
C TYR A 46 14.96 -34.74 2.61
N SER A 47 16.24 -34.91 2.94
CA SER A 47 17.26 -33.94 2.58
C SER A 47 18.20 -34.52 1.53
N TRP A 48 18.61 -33.67 0.60
CA TRP A 48 19.42 -34.08 -0.54
C TRP A 48 20.71 -33.27 -0.61
N LEU A 49 21.80 -33.96 -0.93
CA LEU A 49 23.11 -33.36 -1.13
C LEU A 49 23.70 -33.89 -2.43
N ILE A 50 24.55 -33.08 -3.06
CA ILE A 50 25.22 -33.44 -4.29
C ILE A 50 26.73 -33.39 -4.06
N PHE A 51 27.42 -34.46 -4.46
CA PHE A 51 28.86 -34.54 -4.23
C PHE A 51 29.63 -33.42 -4.91
N PRO A 52 29.45 -33.14 -6.19
CA PRO A 52 30.12 -31.96 -6.77
C PRO A 52 29.56 -30.67 -6.23
N LYS A 53 30.41 -29.64 -6.19
CA LYS A 53 30.01 -28.32 -5.69
C LYS A 53 29.28 -27.57 -6.81
N ILE A 54 28.03 -27.98 -7.04
CA ILE A 54 27.16 -27.37 -8.04
C ILE A 54 25.94 -26.81 -7.34
N ASP A 55 25.66 -25.53 -7.58
CA ASP A 55 24.50 -24.86 -7.01
C ASP A 55 23.81 -24.02 -8.08
N ASN A 56 23.59 -24.62 -9.25
CA ASN A 56 23.11 -23.89 -10.40
C ASN A 56 21.60 -23.69 -10.41
N TYR A 57 20.88 -24.26 -9.44
CA TYR A 57 19.46 -24.00 -9.23
C TYR A 57 18.63 -24.66 -10.33
N LYS A 58 19.28 -25.16 -11.36
CA LYS A 58 18.61 -25.87 -12.46
C LYS A 58 19.21 -27.24 -12.71
N VAL A 59 20.53 -27.40 -12.56
CA VAL A 59 21.12 -28.71 -12.73
C VAL A 59 20.84 -29.58 -11.51
N GLN A 60 20.75 -28.97 -10.33
CA GLN A 60 20.45 -29.74 -9.12
C GLN A 60 19.05 -30.34 -9.22
N ARG A 61 18.07 -29.54 -9.63
CA ARG A 61 16.72 -30.05 -9.81
C ARG A 61 16.69 -31.14 -10.87
N ASN A 62 17.42 -30.95 -11.97
CA ASN A 62 17.42 -31.93 -13.04
C ASN A 62 17.99 -33.26 -12.56
N ILE A 63 19.13 -33.24 -11.88
CA ILE A 63 19.74 -34.49 -11.43
C ILE A 63 18.90 -35.12 -10.33
N LEU A 64 18.26 -34.31 -9.47
CA LEU A 64 17.35 -34.87 -8.47
C LEU A 64 16.17 -35.57 -9.13
N GLU A 65 15.61 -34.96 -10.17
CA GLU A 65 14.51 -35.59 -10.90
C GLU A 65 14.97 -36.89 -11.54
N ILE A 66 16.18 -36.89 -12.10
CA ILE A 66 16.72 -38.11 -12.71
C ILE A 66 16.84 -39.21 -11.66
N ALA A 67 17.37 -38.87 -10.49
CA ALA A 67 17.53 -39.87 -9.43
C ALA A 67 16.18 -40.39 -8.96
N LEU A 68 15.21 -39.48 -8.77
CA LEU A 68 13.89 -39.90 -8.32
C LEU A 68 13.21 -40.80 -9.33
N SER A 69 13.33 -40.47 -10.62
CA SER A 69 12.80 -41.34 -11.66
C SER A 69 13.49 -42.69 -11.65
N GLU A 70 14.81 -42.69 -11.40
CA GLU A 70 15.54 -43.96 -11.31
C GLU A 70 15.00 -44.82 -10.18
N GLU A 71 14.73 -44.20 -9.03
CA GLU A 71 14.17 -44.96 -7.91
C GLU A 71 12.67 -45.19 -8.12
N ALA A 72 12.04 -44.41 -8.99
CA ALA A 72 10.62 -44.52 -9.35
C ALA A 72 9.73 -44.20 -8.16
N LEU A 73 9.86 -42.96 -7.69
CA LEU A 73 8.91 -42.32 -6.78
C LEU A 73 8.24 -41.18 -7.55
N TYR A 74 7.11 -41.49 -8.19
CA TYR A 74 6.40 -40.47 -8.94
C TYR A 74 5.79 -39.42 -8.02
N GLU A 75 5.24 -39.84 -6.88
CA GLU A 75 4.67 -38.93 -5.91
C GLU A 75 5.78 -38.31 -5.08
N TYR A 76 6.13 -37.06 -5.37
CA TYR A 76 7.16 -36.36 -4.64
C TYR A 76 7.00 -34.87 -4.85
N ILE A 77 7.55 -34.09 -3.92
CA ILE A 77 7.54 -32.64 -3.99
C ILE A 77 8.94 -32.12 -3.70
N ILE A 78 9.42 -31.18 -4.50
CA ILE A 78 10.74 -30.58 -4.29
C ILE A 78 10.53 -29.15 -3.81
N GLN A 79 11.07 -28.84 -2.63
CA GLN A 79 11.08 -27.48 -2.10
C GLN A 79 12.53 -27.18 -1.73
N LYS A 80 13.24 -26.54 -2.66
CA LYS A 80 14.63 -26.14 -2.47
C LYS A 80 15.46 -27.34 -2.01
N ASN A 81 15.93 -27.31 -0.76
CA ASN A 81 16.82 -28.34 -0.25
C ASN A 81 16.11 -29.55 0.36
N LYS A 82 14.79 -29.52 0.49
CA LYS A 82 14.04 -30.63 1.06
C LYS A 82 13.04 -31.21 0.06
N ILE A 83 12.60 -32.43 0.36
CA ILE A 83 11.69 -33.21 -0.49
C ILE A 83 10.55 -33.71 0.38
N TYR A 84 9.33 -33.59 -0.15
CA TYR A 84 8.12 -34.01 0.54
C TYR A 84 7.65 -35.34 -0.07
N GLN A 85 7.33 -36.30 0.79
CA GLN A 85 6.76 -37.55 0.32
C GLN A 85 5.57 -37.93 1.20
N LYS A 86 4.60 -38.62 0.59
CA LYS A 86 3.42 -39.08 1.32
C LYS A 86 3.74 -40.30 2.17
N LYS A 87 4.60 -41.19 1.69
CA LYS A 87 4.95 -42.40 2.41
C LYS A 87 6.43 -42.39 2.74
N ARG A 88 6.75 -42.66 4.00
CA ARG A 88 8.14 -42.71 4.44
C ARG A 88 8.81 -43.94 3.84
N HIS A 89 9.97 -43.74 3.21
CA HIS A 89 10.79 -44.82 2.70
C HIS A 89 12.24 -44.54 3.04
N PRO A 90 13.06 -45.59 3.17
CA PRO A 90 14.43 -45.39 3.68
C PRO A 90 15.26 -44.48 2.80
N ASN A 91 16.37 -44.01 3.36
CA ASN A 91 17.29 -43.16 2.62
C ASN A 91 18.00 -43.94 1.53
N ILE A 92 17.95 -43.43 0.31
CA ILE A 92 18.63 -44.03 -0.83
C ILE A 92 19.66 -43.02 -1.37
N LYS A 93 20.90 -43.46 -1.51
CA LYS A 93 21.96 -42.68 -2.11
C LYS A 93 22.52 -43.45 -3.29
N ARG A 94 22.75 -42.76 -4.40
CA ARG A 94 23.26 -43.39 -5.61
C ARG A 94 24.01 -42.37 -6.45
N VAL A 95 24.95 -42.86 -7.23
CA VAL A 95 25.70 -42.03 -8.16
C VAL A 95 24.93 -41.97 -9.48
N VAL A 96 24.72 -40.77 -9.98
CA VAL A 96 24.02 -40.57 -11.25
C VAL A 96 25.04 -40.29 -12.34
N LEU A 97 25.00 -41.08 -13.42
CA LEU A 97 25.90 -40.89 -14.55
C LEU A 97 25.24 -39.88 -15.47
N PHE A 98 25.75 -38.64 -15.45
CA PHE A 98 25.18 -37.56 -16.25
C PHE A 98 26.29 -36.59 -16.61
N GLN A 99 26.05 -35.83 -17.69
CA GLN A 99 26.99 -34.83 -18.19
C GLN A 99 28.37 -35.42 -18.43
N PHE A 103 29.25 -37.17 -8.25
CA PHE A 103 27.86 -37.16 -8.69
C PHE A 103 27.00 -38.03 -7.78
N GLN A 104 27.16 -37.83 -6.48
CA GLN A 104 26.43 -38.60 -5.48
C GLN A 104 25.23 -37.79 -5.01
N ILE A 105 24.05 -38.39 -5.08
CA ILE A 105 22.81 -37.74 -4.68
C ILE A 105 22.36 -38.35 -3.37
N GLU A 106 22.30 -37.53 -2.33
CA GLU A 106 21.97 -37.99 -0.99
C GLU A 106 20.47 -37.90 -0.74
N ILE A 107 19.99 -38.78 0.14
CA ILE A 107 18.64 -38.69 0.69
C ILE A 107 18.77 -38.90 2.20
N ASN A 108 18.14 -38.01 2.98
CA ASN A 108 18.24 -38.08 4.43
C ASN A 108 16.90 -37.74 5.04
N HIS A 109 16.28 -38.71 5.71
CA HIS A 109 15.07 -38.45 6.48
C HIS A 109 15.38 -37.45 7.58
N LEU A 110 14.55 -36.41 7.68
CA LEU A 110 14.80 -35.33 8.62
C LEU A 110 13.61 -35.03 9.53
N GLU A 111 12.38 -35.23 9.05
CA GLU A 111 11.23 -34.78 9.80
C GLU A 111 10.01 -35.56 9.34
N THR A 112 9.08 -35.81 10.26
CA THR A 112 7.80 -36.44 9.90
C THR A 112 6.78 -36.07 10.97
N VAL A 113 5.91 -35.10 10.65
CA VAL A 113 4.74 -34.80 11.47
C VAL A 113 3.52 -34.77 10.57
N TYR A 114 2.35 -34.79 11.21
CA TYR A 114 1.10 -34.75 10.49
C TYR A 114 0.92 -33.38 9.82
N LEU A 115 0.21 -33.39 8.69
CA LEU A 115 -0.02 -32.16 7.95
C LEU A 115 -1.00 -31.24 8.64
N LEU A 116 -2.00 -31.80 9.33
CA LEU A 116 -3.08 -30.99 9.89
C LEU A 116 -2.58 -30.00 10.94
N ASP A 117 -1.59 -30.38 11.73
CA ASP A 117 -1.18 -29.56 12.87
C ASP A 117 -0.55 -28.24 12.42
N ASN A 118 0.37 -28.28 11.47
CA ASN A 118 1.19 -27.13 11.15
C ASN A 118 0.70 -26.44 9.89
N PRO A 119 0.13 -25.23 9.99
CA PRO A 119 -0.24 -24.50 8.77
C PRO A 119 0.93 -24.14 7.88
N THR A 120 2.15 -24.04 8.44
CA THR A 120 3.30 -23.73 7.60
C THR A 120 3.53 -24.80 6.56
N LEU A 121 3.46 -26.07 6.96
CA LEU A 121 3.55 -27.14 5.97
C LEU A 121 2.44 -27.01 4.94
N GLN A 122 1.19 -26.93 5.40
CA GLN A 122 0.07 -26.84 4.47
C GLN A 122 0.27 -25.75 3.43
N ASN A 123 0.77 -24.59 3.86
CA ASN A 123 1.12 -23.54 2.90
C ASN A 123 2.25 -23.98 1.97
N GLU A 124 3.22 -24.74 2.49
CA GLU A 124 4.34 -25.15 1.64
C GLU A 124 3.91 -26.12 0.55
N ILE A 125 3.13 -27.15 0.90
CA ILE A 125 2.59 -28.04 -0.12
C ILE A 125 1.68 -27.27 -1.09
N PHE A 126 0.87 -26.35 -0.58
CA PHE A 126 0.00 -25.58 -1.49
C PHE A 126 0.85 -24.82 -2.50
N GLY A 127 1.89 -24.14 -2.03
CA GLY A 127 2.75 -23.38 -2.93
C GLY A 127 3.49 -24.26 -3.91
N SER A 128 3.99 -25.40 -3.45
CA SER A 128 4.71 -26.29 -4.36
C SER A 128 3.78 -26.86 -5.42
N ILE A 129 2.54 -27.20 -5.04
CA ILE A 129 1.59 -27.70 -6.03
C ILE A 129 1.27 -26.61 -7.04
N CYS A 130 1.03 -25.38 -6.56
CA CYS A 130 0.75 -24.28 -7.49
C CYS A 130 1.94 -24.02 -8.40
N GLN A 131 3.15 -24.27 -7.92
CA GLN A 131 4.33 -24.17 -8.78
C GLN A 131 4.33 -25.29 -9.82
N THR A 132 3.91 -26.50 -9.41
CA THR A 132 3.89 -27.63 -10.33
C THR A 132 2.87 -27.43 -11.44
N VAL A 133 1.69 -26.92 -11.11
CA VAL A 133 0.63 -26.77 -12.09
C VAL A 133 0.97 -25.74 -13.16
N GLY A 134 2.01 -24.93 -12.95
CA GLY A 134 2.48 -24.03 -13.97
C GLY A 134 2.97 -22.69 -13.47
N PHE A 135 2.58 -22.32 -12.26
CA PHE A 135 2.91 -21.00 -11.74
C PHE A 135 4.37 -20.94 -11.29
N GLU A 136 4.89 -19.72 -11.24
CA GLU A 136 6.23 -19.42 -10.77
C GLU A 136 6.12 -18.62 -9.49
N GLN A 137 6.93 -18.95 -8.50
CA GLN A 137 6.89 -18.25 -7.23
C GLN A 137 7.73 -16.98 -7.33
N ILE A 138 7.06 -15.84 -7.46
CA ILE A 138 7.70 -14.53 -7.48
C ILE A 138 7.40 -13.87 -6.15
N GLY A 139 8.43 -13.56 -5.39
CA GLY A 139 8.21 -13.05 -4.05
C GLY A 139 7.44 -14.07 -3.23
N HIS A 140 6.29 -13.66 -2.73
CA HIS A 140 5.39 -14.54 -1.99
C HIS A 140 4.16 -14.94 -2.78
N ASN A 141 4.11 -14.61 -4.07
CA ASN A 141 2.96 -14.88 -4.92
C ASN A 141 3.35 -15.86 -6.02
N TYR A 142 2.36 -16.26 -6.81
CA TYR A 142 2.55 -17.21 -7.89
C TYR A 142 1.92 -16.69 -9.15
N TYR A 143 2.65 -16.77 -10.26
CA TYR A 143 2.24 -16.17 -11.53
C TYR A 143 2.44 -17.14 -12.69
N TYR A 144 1.44 -17.19 -13.57
CA TYR A 144 1.45 -18.15 -14.67
C TYR A 144 2.61 -17.88 -15.63
N SER A 145 2.91 -18.87 -16.45
CA SER A 145 3.98 -18.81 -17.43
C SER A 145 3.69 -19.84 -18.52
N ALA A 146 4.65 -20.03 -19.42
CA ALA A 146 4.48 -20.95 -20.54
C ALA A 146 5.48 -22.09 -20.57
N GLU A 147 6.73 -21.86 -20.15
CA GLU A 147 7.77 -22.87 -20.24
C GLU A 147 7.81 -23.79 -19.03
N ARG A 148 7.83 -23.22 -17.82
CA ARG A 148 7.86 -24.03 -16.59
C ARG A 148 6.47 -24.58 -16.31
N GLN A 149 6.12 -25.63 -17.05
CA GLN A 149 4.83 -26.27 -16.96
C GLN A 149 5.01 -27.77 -16.81
N SER A 150 4.00 -28.42 -16.25
CA SER A 150 4.01 -29.86 -16.05
C SER A 150 3.07 -30.54 -17.05
N SER A 151 3.55 -31.63 -17.65
CA SER A 151 2.89 -32.23 -18.80
C SER A 151 1.61 -32.97 -18.45
N GLN A 152 1.39 -33.35 -17.18
CA GLN A 152 0.21 -34.14 -16.85
C GLN A 152 -1.08 -33.35 -17.06
N LEU A 153 -0.99 -32.02 -17.10
CA LEU A 153 -2.15 -31.20 -17.39
C LEU A 153 -2.64 -31.45 -18.81
N THR A 154 -3.95 -31.57 -18.98
CA THR A 154 -4.52 -31.75 -20.30
C THR A 154 -4.51 -30.44 -21.06
N GLN A 155 -4.73 -30.54 -22.37
CA GLN A 155 -4.69 -29.35 -23.22
C GLN A 155 -5.84 -28.40 -22.90
N SER A 156 -7.02 -28.95 -22.61
CA SER A 156 -8.16 -28.10 -22.28
C SER A 156 -7.90 -27.31 -21.01
N THR A 157 -7.37 -27.96 -19.98
CA THR A 157 -7.03 -27.25 -18.75
C THR A 157 -5.96 -26.21 -18.98
N LYS A 158 -4.95 -26.54 -19.79
CA LYS A 158 -3.89 -25.58 -20.09
C LYS A 158 -4.44 -24.35 -20.79
N GLU A 159 -5.32 -24.56 -21.79
CA GLU A 159 -5.92 -23.43 -22.49
C GLU A 159 -6.78 -22.60 -21.55
N SER A 160 -7.56 -23.27 -20.67
CA SER A 160 -8.38 -22.54 -19.73
C SER A 160 -7.52 -21.69 -18.80
N LEU A 161 -6.42 -22.25 -18.29
CA LEU A 161 -5.53 -21.50 -17.42
C LEU A 161 -4.89 -20.33 -18.16
N LYS A 162 -4.48 -20.56 -19.42
CA LYS A 162 -3.91 -19.48 -20.21
C LYS A 162 -4.91 -18.35 -20.38
N ARG A 163 -6.17 -18.68 -20.67
CA ARG A 163 -7.20 -17.66 -20.82
C ARG A 163 -7.44 -16.93 -19.50
N ILE A 164 -7.50 -17.66 -18.39
CA ILE A 164 -7.79 -17.03 -17.11
C ILE A 164 -6.63 -16.17 -16.64
N PHE A 165 -5.40 -16.62 -16.88
CA PHE A 165 -4.20 -15.90 -16.45
C PHE A 165 -3.29 -15.67 -17.65
N PRO A 166 -3.68 -14.78 -18.56
CA PRO A 166 -2.82 -14.51 -19.72
C PRO A 166 -1.73 -13.52 -19.40
N ALA A 167 -0.56 -13.75 -19.99
CA ALA A 167 0.58 -12.84 -19.84
C ALA A 167 0.35 -11.65 -20.76
N ILE A 168 -0.29 -10.62 -20.20
CA ILE A 168 -0.67 -9.46 -21.00
C ILE A 168 0.58 -8.71 -21.44
N GLU A 169 0.55 -8.15 -22.63
CA GLU A 169 1.63 -7.32 -23.12
C GLU A 169 1.24 -5.85 -23.01
N ILE A 170 2.18 -5.03 -22.54
CA ILE A 170 1.94 -3.61 -22.30
C ILE A 170 2.99 -2.82 -23.07
N ASP A 171 2.54 -1.76 -23.76
CA ASP A 171 3.38 -0.88 -24.56
C ASP A 171 3.97 -1.61 -25.76
N GLY A 172 3.23 -2.57 -26.30
CA GLY A 172 3.59 -3.22 -27.55
C GLY A 172 4.94 -3.92 -27.55
N GLY A 173 5.21 -4.71 -26.52
CA GLY A 173 6.43 -5.49 -26.47
C GLY A 173 7.45 -5.04 -25.45
N LYS A 174 7.11 -4.12 -24.55
CA LYS A 174 8.06 -3.64 -23.55
C LYS A 174 7.79 -4.17 -22.15
N TYR A 175 6.53 -4.34 -21.76
CA TYR A 175 6.20 -4.74 -20.40
C TYR A 175 5.40 -6.04 -20.41
N TYR A 176 5.83 -6.98 -19.56
CA TYR A 176 4.98 -8.12 -19.24
C TYR A 176 4.04 -7.76 -18.10
N LEU A 177 2.83 -8.30 -18.17
CA LEU A 177 1.85 -8.20 -17.10
C LEU A 177 1.47 -9.65 -16.76
N LYS A 178 2.14 -10.19 -15.74
CA LYS A 178 1.91 -11.56 -15.32
C LYS A 178 0.73 -11.59 -14.36
N GLN A 179 -0.23 -12.46 -14.63
CA GLN A 179 -1.44 -12.58 -13.82
C GLN A 179 -1.41 -13.92 -13.11
N GLY A 180 -1.49 -13.90 -11.79
CA GLY A 180 -1.44 -15.12 -11.01
C GLY A 180 -2.25 -15.04 -9.73
N LEU A 181 -1.98 -15.92 -8.78
CA LEU A 181 -2.75 -15.97 -7.55
C LEU A 181 -1.86 -15.71 -6.34
N THR A 182 -2.42 -14.93 -5.41
CA THR A 182 -1.91 -14.82 -4.06
C THR A 182 -2.77 -15.71 -3.18
N THR A 183 -2.13 -16.55 -2.38
CA THR A 183 -2.81 -17.60 -1.65
C THR A 183 -2.38 -17.62 -0.19
N ALA A 184 -3.22 -18.26 0.63
CA ALA A 184 -2.95 -18.41 2.05
C ALA A 184 -3.89 -19.46 2.60
N ILE A 185 -3.41 -20.28 3.52
CA ILE A 185 -4.23 -21.26 4.23
C ILE A 185 -4.42 -20.75 5.64
N HIS A 186 -5.68 -20.63 6.07
CA HIS A 186 -6.01 -20.11 7.38
C HIS A 186 -6.86 -21.12 8.13
N SER A 187 -6.65 -21.20 9.45
CA SER A 187 -7.44 -22.09 10.26
C SER A 187 -8.78 -21.45 10.61
N THR A 188 -9.80 -22.31 10.78
CA THR A 188 -11.13 -21.86 11.12
C THR A 188 -11.27 -21.70 12.64
N LYS A 189 -12.21 -20.85 13.04
CA LYS A 189 -12.45 -20.53 14.44
C LYS A 189 -13.87 -20.96 14.75
N LYS A 190 -14.04 -22.25 15.08
CA LYS A 190 -15.31 -22.84 15.45
C LYS A 190 -16.42 -22.40 14.48
N ASN A 191 -16.25 -22.77 13.21
CA ASN A 191 -17.17 -22.37 12.17
C ASN A 191 -18.46 -23.17 12.26
N PHE A 192 -19.58 -22.50 11.96
CA PHE A 192 -20.87 -23.18 12.01
C PHE A 192 -20.99 -24.25 10.95
N SER A 193 -20.52 -23.96 9.73
CA SER A 193 -20.63 -24.91 8.63
C SER A 193 -19.45 -24.77 7.67
N LYS A 198 -24.12 -30.08 7.79
CA LYS A 198 -23.44 -28.84 8.18
C LYS A 198 -22.47 -29.10 9.33
N ASN A 199 -21.17 -29.07 9.02
CA ASN A 199 -20.14 -29.34 10.00
C ASN A 199 -19.07 -28.26 9.91
N ALA A 200 -18.38 -28.05 11.03
CA ALA A 200 -17.30 -27.09 11.07
C ALA A 200 -16.20 -27.48 10.08
N ILE A 201 -15.77 -26.52 9.29
CA ILE A 201 -14.67 -26.74 8.36
C ILE A 201 -13.36 -26.61 9.11
N SER A 202 -12.41 -27.49 8.77
CA SER A 202 -11.09 -27.47 9.47
C SER A 202 -10.32 -26.21 9.07
N ASN A 203 -10.29 -25.90 7.77
CA ASN A 203 -9.48 -24.74 7.31
C ASN A 203 -10.09 -24.09 6.07
N VAL A 204 -9.73 -22.84 5.78
CA VAL A 204 -10.15 -22.17 4.57
C VAL A 204 -8.92 -21.72 3.81
N VAL A 205 -9.11 -21.45 2.52
CA VAL A 205 -8.03 -20.99 1.64
C VAL A 205 -8.46 -19.68 1.00
N GLU A 206 -7.58 -18.71 0.99
CA GLU A 206 -7.83 -17.41 0.38
C GLU A 206 -7.14 -17.35 -0.97
N LEU A 207 -7.89 -16.97 -2.00
CA LEU A 207 -7.38 -16.88 -3.36
C LEU A 207 -7.65 -15.48 -3.89
N GLU A 208 -6.61 -14.81 -4.37
CA GLU A 208 -6.77 -13.49 -4.95
C GLU A 208 -6.02 -13.43 -6.27
N GLN A 209 -6.65 -12.85 -7.29
CA GLN A 209 -5.99 -12.68 -8.58
C GLN A 209 -5.18 -11.38 -8.56
N THR A 210 -3.87 -11.51 -8.73
CA THR A 210 -2.96 -10.38 -8.67
C THR A 210 -2.16 -10.28 -9.96
N SER A 211 -1.97 -9.04 -10.41
CA SER A 211 -1.24 -8.74 -11.64
C SER A 211 0.02 -7.97 -11.29
N LYS A 212 1.15 -8.43 -11.83
CA LYS A 212 2.44 -7.84 -11.54
C LYS A 212 3.13 -7.47 -12.85
N LEU A 213 3.72 -6.28 -12.90
CA LEU A 213 4.30 -5.74 -14.11
C LEU A 213 5.82 -5.84 -14.07
N ILE A 214 6.40 -6.36 -15.14
CA ILE A 214 7.85 -6.48 -15.28
C ILE A 214 8.23 -5.81 -16.61
N GLN A 215 9.46 -5.31 -16.69
CA GLN A 215 9.93 -4.62 -17.88
C GLN A 215 10.90 -5.51 -18.65
N LYS A 216 10.73 -5.56 -19.97
CA LYS A 216 11.58 -6.41 -20.80
C LYS A 216 13.04 -5.97 -20.77
N LYS A 217 13.30 -4.67 -20.84
CA LYS A 217 14.67 -4.19 -20.88
C LYS A 217 15.38 -4.44 -19.55
N ASN A 218 16.66 -4.78 -19.64
CA ASN A 218 17.46 -5.03 -18.45
C ASN A 218 18.04 -3.73 -17.90
N LEU A 219 18.56 -3.81 -16.68
CA LEU A 219 19.02 -2.61 -15.98
C LEU A 219 20.18 -1.95 -16.72
N LEU A 220 21.09 -2.75 -17.29
CA LEU A 220 22.23 -2.20 -18.00
C LEU A 220 21.79 -1.31 -19.15
N GLU A 221 20.76 -1.73 -19.89
CA GLU A 221 20.25 -0.91 -20.97
C GLU A 221 19.73 0.42 -20.45
N ILE A 222 19.01 0.39 -19.34
CA ILE A 222 18.43 1.62 -18.79
C ILE A 222 19.54 2.56 -18.33
N ILE A 223 20.55 2.03 -17.65
CA ILE A 223 21.61 2.90 -17.13
C ILE A 223 22.42 3.48 -18.28
N MET A 224 22.67 2.69 -19.33
CA MET A 224 23.36 3.23 -20.49
C MET A 224 22.53 4.31 -21.17
N ASP A 225 21.22 4.09 -21.30
CA ASP A 225 20.36 5.10 -21.91
C ASP A 225 20.37 6.39 -21.10
N LEU A 226 20.32 6.28 -19.77
CA LEU A 226 20.37 7.47 -18.93
C LEU A 226 21.71 8.18 -19.04
N ASN A 227 22.81 7.41 -19.02
CA ASN A 227 24.13 8.02 -19.16
C ASN A 227 24.29 8.70 -20.51
N ARG A 228 23.59 8.22 -21.53
CA ARG A 228 23.65 8.88 -22.84
C ARG A 228 23.14 10.31 -22.76
N LYS A 229 22.03 10.53 -22.04
CA LYS A 229 21.42 11.86 -21.98
C LYS A 229 21.72 12.61 -20.70
N VAL A 230 21.69 11.92 -19.55
CA VAL A 230 21.98 12.60 -18.27
C VAL A 230 23.44 13.01 -18.21
N LYS A 231 24.34 12.09 -18.54
CA LYS A 231 25.78 12.32 -18.49
C LYS A 231 26.22 12.79 -17.10
N ASP A 232 25.56 12.25 -16.08
CA ASP A 232 25.85 12.62 -14.70
C ASP A 232 25.57 11.41 -13.82
N HIS A 233 26.64 10.83 -13.25
CA HIS A 233 26.48 9.64 -12.43
C HIS A 233 25.59 9.89 -11.22
N HIS A 234 25.79 11.01 -10.54
CA HIS A 234 25.02 11.30 -9.33
C HIS A 234 23.54 11.50 -9.64
N LYS A 235 23.24 12.16 -10.76
CA LYS A 235 21.84 12.32 -11.16
C LYS A 235 21.23 10.97 -11.53
N ILE A 236 22.03 10.08 -12.13
CA ILE A 236 21.54 8.74 -12.43
C ILE A 236 21.21 7.99 -11.14
N GLU A 237 22.08 8.10 -10.13
CA GLU A 237 21.78 7.50 -8.84
C GLU A 237 20.49 8.07 -8.25
N ASN A 238 20.30 9.38 -8.38
CA ASN A 238 19.06 9.98 -7.89
C ASN A 238 17.83 9.42 -8.59
N LEU A 239 17.89 9.29 -9.92
CA LEU A 239 16.75 8.77 -10.66
C LEU A 239 16.50 7.28 -10.38
N LEU A 240 17.55 6.50 -10.15
CA LEU A 240 17.41 5.06 -10.00
C LEU A 240 17.21 4.61 -8.55
N ILE A 241 17.53 5.46 -7.57
CA ILE A 241 17.49 5.02 -6.19
C ILE A 241 16.04 4.79 -5.77
N GLY A 242 15.84 3.81 -4.88
CA GLY A 242 14.54 3.49 -4.35
C GLY A 242 13.72 2.56 -5.22
N SER A 243 14.14 2.34 -6.46
CA SER A 243 13.38 1.48 -7.36
C SER A 243 13.56 0.01 -7.01
N ARG A 244 12.59 -0.80 -7.39
CA ARG A 244 12.61 -2.24 -7.14
C ARG A 244 12.98 -2.96 -8.42
N PHE A 245 13.73 -4.05 -8.29
CA PHE A 245 14.14 -4.83 -9.45
C PHE A 245 14.13 -6.32 -9.12
N ILE A 246 13.77 -7.13 -10.11
CA ILE A 246 13.67 -8.58 -9.95
C ILE A 246 14.84 -9.19 -10.73
N THR A 247 15.63 -10.02 -10.06
CA THR A 247 16.64 -10.80 -10.73
C THR A 247 16.04 -12.12 -11.19
N HIS A 248 16.16 -12.41 -12.49
CA HIS A 248 15.52 -13.57 -13.09
C HIS A 248 16.33 -14.85 -12.94
N TYR A 249 17.65 -14.78 -13.01
CA TYR A 249 18.48 -15.96 -12.83
C TYR A 249 18.24 -16.63 -11.48
N ASN A 250 17.88 -15.85 -10.47
CA ASN A 250 17.39 -16.38 -9.22
C ASN A 250 15.94 -16.00 -8.93
N ASN A 251 15.38 -15.04 -9.66
CA ASN A 251 14.00 -14.59 -9.49
C ASN A 251 13.72 -14.17 -8.05
N ARG A 252 14.45 -13.16 -7.58
CA ARG A 252 14.16 -12.54 -6.30
C ARG A 252 14.07 -11.03 -6.48
N ILE A 253 13.23 -10.39 -5.70
CA ILE A 253 13.01 -8.95 -5.77
C ILE A 253 13.91 -8.26 -4.76
N TYR A 254 14.42 -7.09 -5.13
CA TYR A 254 15.28 -6.30 -4.28
C TYR A 254 15.01 -4.82 -4.53
N THR A 255 15.60 -3.97 -3.69
CA THR A 255 15.46 -2.54 -3.79
C THR A 255 16.81 -1.90 -4.10
N ILE A 256 16.78 -0.88 -4.96
CA ILE A 256 18.01 -0.21 -5.37
C ILE A 256 18.51 0.65 -4.23
N HIS A 257 19.64 0.24 -3.63
CA HIS A 257 20.25 1.00 -2.54
C HIS A 257 21.50 1.77 -2.95
N GLY A 258 22.08 1.47 -4.11
CA GLY A 258 23.20 2.26 -4.61
C GLY A 258 23.68 1.70 -5.92
N ILE A 259 24.72 2.34 -6.46
CA ILE A 259 25.36 1.87 -7.69
C ILE A 259 26.85 2.21 -7.62
N ALA A 260 27.69 1.18 -7.66
CA ALA A 260 29.14 1.37 -7.67
C ALA A 260 29.59 1.40 -9.12
N TRP A 261 30.11 2.56 -9.53
CA TRP A 261 30.66 2.75 -10.87
C TRP A 261 32.15 2.45 -10.94
N ASN A 262 32.85 2.61 -9.82
CA ASN A 262 34.26 2.26 -9.73
C ASN A 262 34.49 0.77 -9.58
N LYS A 263 33.42 0.00 -9.45
CA LYS A 263 33.48 -1.44 -9.23
C LYS A 263 33.06 -2.14 -10.52
N ASP A 264 33.82 -3.16 -10.88
CA ASP A 264 33.62 -3.86 -12.15
C ASP A 264 33.48 -5.34 -11.86
N PRO A 265 32.84 -6.09 -12.76
CA PRO A 265 32.70 -7.54 -12.54
C PRO A 265 34.02 -8.25 -12.37
N THR A 266 35.09 -7.74 -12.98
CA THR A 266 36.41 -8.35 -12.86
C THR A 266 36.93 -8.32 -11.43
N SER A 267 36.46 -7.39 -10.60
CA SER A 267 36.93 -7.30 -9.23
C SER A 267 36.42 -8.49 -8.42
N THR A 268 37.13 -8.80 -7.34
CA THR A 268 36.87 -9.97 -6.53
C THR A 268 36.06 -9.62 -5.29
N PHE A 269 35.26 -10.57 -4.83
CA PHE A 269 34.57 -10.47 -3.55
C PHE A 269 34.66 -11.82 -2.85
N GLN A 270 34.62 -11.77 -1.52
CA GLN A 270 34.77 -12.98 -0.70
C GLN A 270 33.41 -13.65 -0.54
N ILE A 271 33.37 -14.95 -0.73
CA ILE A 271 32.14 -15.72 -0.59
C ILE A 271 31.87 -16.02 0.87
N THR A 282 35.72 -13.61 -8.33
CA THR A 282 35.15 -12.54 -9.13
C THR A 282 33.67 -12.77 -9.39
N PHE A 283 32.92 -11.68 -9.56
CA PHE A 283 31.49 -11.81 -9.82
C PHE A 283 31.22 -12.50 -11.15
N GLU A 284 32.08 -12.29 -12.14
CA GLU A 284 31.92 -13.01 -13.40
C GLU A 284 32.06 -14.51 -13.20
N GLU A 285 33.12 -14.94 -12.51
CA GLU A 285 33.29 -16.35 -12.21
C GLU A 285 32.18 -16.85 -11.29
N TYR A 286 31.75 -16.00 -10.35
CA TYR A 286 30.67 -16.38 -9.44
C TYR A 286 29.39 -16.69 -10.21
N TYR A 287 29.08 -15.86 -11.21
CA TYR A 287 27.89 -16.10 -12.02
C TYR A 287 28.07 -17.30 -12.96
N LYS A 288 29.28 -17.46 -13.50
CA LYS A 288 29.55 -18.59 -14.38
C LYS A 288 29.39 -19.92 -13.64
N LYS A 289 29.89 -19.99 -12.41
CA LYS A 289 29.84 -21.23 -11.66
C LYS A 289 28.49 -21.44 -11.00
N ASN A 290 28.00 -20.42 -10.28
CA ASN A 290 26.80 -20.58 -9.47
C ASN A 290 25.53 -20.55 -10.32
N TYR A 291 25.57 -19.86 -11.45
CA TYR A 291 24.36 -19.66 -12.24
C TYR A 291 24.52 -19.99 -13.72
N GLN A 292 25.74 -20.15 -14.20
CA GLN A 292 26.01 -20.52 -15.60
C GLN A 292 25.39 -19.52 -16.57
N LEU A 293 25.72 -18.24 -16.36
CA LEU A 293 25.27 -17.17 -17.23
C LEU A 293 26.47 -16.44 -17.79
N LYS A 294 26.52 -16.32 -19.12
CA LYS A 294 27.60 -15.62 -19.79
C LYS A 294 27.41 -14.12 -19.66
N ILE A 295 28.50 -13.42 -19.36
CA ILE A 295 28.46 -11.97 -19.14
C ILE A 295 28.93 -11.26 -20.41
N SER A 296 28.18 -10.23 -20.81
CA SER A 296 28.49 -9.49 -22.03
C SER A 296 29.33 -8.25 -21.77
N ASP A 297 29.04 -7.50 -20.71
CA ASP A 297 29.72 -6.27 -20.39
C ASP A 297 30.65 -6.51 -19.20
N LEU A 298 31.95 -6.44 -19.45
CA LEU A 298 32.95 -6.63 -18.41
C LEU A 298 33.28 -5.34 -17.67
N HIS A 299 32.86 -4.18 -18.18
CA HIS A 299 33.10 -2.90 -17.54
C HIS A 299 31.84 -2.31 -16.90
N GLN A 300 30.77 -3.09 -16.81
CA GLN A 300 29.52 -2.58 -16.27
C GLN A 300 29.66 -2.26 -14.79
N PRO A 301 28.96 -1.22 -14.31
CA PRO A 301 28.92 -0.96 -12.87
C PRO A 301 28.05 -1.99 -12.16
N LEU A 302 28.09 -2.04 -10.82
CA LEU A 302 27.31 -3.03 -10.10
C LEU A 302 26.39 -2.35 -9.10
N ILE A 303 25.12 -2.76 -9.09
CA ILE A 303 24.13 -2.16 -8.22
C ILE A 303 24.28 -2.74 -6.82
N ILE A 304 23.94 -1.96 -5.81
CA ILE A 304 24.22 -2.29 -4.42
C ILE A 304 22.91 -2.38 -3.66
N TYR A 305 22.72 -3.50 -2.95
CA TYR A 305 21.58 -3.75 -2.08
C TYR A 305 22.12 -4.40 -0.81
N TYR A 306 22.43 -3.57 0.19
CA TYR A 306 22.93 -4.09 1.45
C TYR A 306 21.76 -4.58 2.31
N PRO A 307 21.99 -5.56 3.19
CA PRO A 307 20.98 -6.12 4.10
C PRO A 307 20.23 -5.04 4.89
N ILE A 322 26.53 -6.18 2.56
CA ILE A 322 26.51 -5.49 1.28
C ILE A 322 26.66 -6.48 0.14
N LEU A 323 25.62 -6.61 -0.68
CA LEU A 323 25.61 -7.52 -1.82
C LEU A 323 25.57 -6.71 -3.11
N TYR A 324 26.29 -7.20 -4.12
CA TYR A 324 26.40 -6.52 -5.40
C TYR A 324 25.74 -7.36 -6.50
N PHE A 325 24.92 -6.70 -7.32
CA PHE A 325 24.18 -7.37 -8.38
C PHE A 325 24.55 -6.76 -9.72
N LEU A 326 24.55 -7.59 -10.76
CA LEU A 326 24.93 -7.16 -12.10
C LEU A 326 23.72 -6.66 -12.87
N PRO A 327 23.74 -5.41 -13.33
CA PRO A 327 22.52 -4.83 -13.93
C PRO A 327 22.09 -5.52 -15.22
N GLU A 328 23.00 -6.21 -15.92
CA GLU A 328 22.62 -6.87 -17.15
C GLU A 328 21.62 -8.00 -16.93
N PHE A 329 21.48 -8.47 -15.70
CA PHE A 329 20.62 -9.60 -15.38
C PHE A 329 19.43 -9.21 -14.49
N CYS A 330 19.08 -7.93 -14.44
CA CYS A 330 17.95 -7.46 -13.66
C CYS A 330 16.93 -6.82 -14.58
N HIS A 331 15.74 -6.54 -14.04
CA HIS A 331 14.71 -5.82 -14.74
C HIS A 331 13.96 -4.94 -13.76
N LEU A 332 13.61 -3.72 -14.20
CA LEU A 332 12.90 -2.80 -13.33
C LEU A 332 11.51 -3.34 -13.01
N PHE A 333 10.97 -2.88 -11.89
CA PHE A 333 9.70 -3.37 -11.36
C PHE A 333 8.68 -2.25 -11.52
N GLY A 334 7.59 -2.53 -12.21
CA GLY A 334 6.51 -1.59 -12.36
C GLY A 334 6.78 -0.58 -13.46
N LEU A 335 5.99 0.48 -13.46
CA LEU A 335 6.09 1.49 -14.50
C LEU A 335 7.41 2.25 -14.40
N SER A 336 7.96 2.63 -15.54
CA SER A 336 9.17 3.42 -15.57
C SER A 336 8.90 4.84 -15.07
N ASN A 337 9.92 5.43 -14.44
CA ASN A 337 9.78 6.80 -13.94
C ASN A 337 9.53 7.78 -15.08
N LEU A 338 10.22 7.59 -16.21
CA LEU A 338 10.00 8.45 -17.37
C LEU A 338 8.59 8.33 -17.93
N ASP A 339 7.88 7.25 -17.60
CA ASP A 339 6.50 7.05 -18.04
C ASP A 339 5.58 6.80 -16.85
N ALA A 340 5.96 7.31 -15.68
CA ALA A 340 5.20 7.03 -14.46
C ALA A 340 3.78 7.58 -14.54
N ASP A 341 3.63 8.80 -15.05
CA ASP A 341 2.33 9.47 -15.09
C ASP A 341 1.77 9.57 -16.51
N ASN A 342 2.19 8.68 -17.41
CA ASN A 342 1.65 8.68 -18.75
C ASN A 342 0.18 8.30 -18.73
N PHE A 343 -0.66 9.14 -19.32
CA PHE A 343 -2.10 8.92 -19.25
C PHE A 343 -2.51 7.67 -20.02
N ARG A 344 -2.05 7.52 -21.25
CA ARG A 344 -2.43 6.35 -22.05
C ARG A 344 -1.87 5.07 -21.45
N ILE A 345 -0.64 5.10 -20.94
CA ILE A 345 -0.05 3.91 -20.35
C ILE A 345 -0.84 3.49 -19.12
N ARG A 346 -1.15 4.46 -18.24
CA ARG A 346 -1.91 4.16 -17.04
C ARG A 346 -3.29 3.64 -17.39
N GLN A 347 -3.94 4.24 -18.38
CA GLN A 347 -5.25 3.76 -18.81
C GLN A 347 -5.16 2.32 -19.31
N GLU A 348 -4.14 2.01 -20.10
CA GLU A 348 -4.02 0.65 -20.64
C GLU A 348 -3.78 -0.37 -19.53
N ILE A 349 -2.87 -0.07 -18.61
CA ILE A 349 -2.61 -1.04 -17.55
C ILE A 349 -3.84 -1.20 -16.66
N THR A 350 -4.49 -0.10 -16.31
CA THR A 350 -5.68 -0.18 -15.46
C THR A 350 -6.79 -0.98 -16.14
N ARG A 351 -6.96 -0.79 -17.45
CA ARG A 351 -7.92 -1.60 -18.19
C ARG A 351 -7.55 -3.08 -18.13
N ASN A 352 -6.26 -3.39 -18.25
CA ASN A 352 -5.84 -4.78 -18.35
C ASN A 352 -5.74 -5.48 -16.99
N THR A 353 -5.72 -4.75 -15.87
CA THR A 353 -5.63 -5.40 -14.57
C THR A 353 -6.91 -5.33 -13.76
N GLN A 354 -7.81 -4.42 -14.08
CA GLN A 354 -9.05 -4.26 -13.33
C GLN A 354 -10.12 -5.15 -13.95
N MET A 355 -10.58 -6.14 -13.19
CA MET A 355 -11.57 -7.10 -13.67
C MET A 355 -12.93 -6.73 -13.08
N SER A 356 -13.95 -6.68 -13.93
CA SER A 356 -15.30 -6.45 -13.46
C SER A 356 -15.70 -7.56 -12.48
N PRO A 357 -16.53 -7.25 -11.49
CA PRO A 357 -16.88 -8.28 -10.50
C PRO A 357 -17.45 -9.54 -11.11
N SER A 358 -18.25 -9.42 -12.17
CA SER A 358 -18.69 -10.61 -12.89
C SER A 358 -17.50 -11.36 -13.49
N ASP A 359 -16.57 -10.61 -14.11
CA ASP A 359 -15.40 -11.25 -14.71
C ASP A 359 -14.52 -11.92 -13.66
N ARG A 360 -14.25 -11.24 -12.55
CA ARG A 360 -13.42 -11.82 -11.52
C ARG A 360 -14.08 -13.05 -10.90
N TYR A 361 -15.38 -12.96 -10.62
CA TYR A 361 -16.09 -14.09 -10.04
C TYR A 361 -16.07 -15.29 -10.99
N ARG A 362 -16.32 -15.05 -12.28
CA ARG A 362 -16.29 -16.15 -13.24
C ARG A 362 -14.89 -16.74 -13.34
N LYS A 363 -13.85 -15.90 -13.34
CA LYS A 363 -12.49 -16.41 -13.39
C LYS A 363 -12.20 -17.31 -12.21
N LEU A 364 -12.54 -16.85 -11.01
CA LEU A 364 -12.29 -17.65 -9.82
C LEU A 364 -13.08 -18.95 -9.85
N LYS A 365 -14.36 -18.88 -10.25
CA LYS A 365 -15.19 -20.09 -10.26
C LYS A 365 -14.69 -21.11 -11.27
N THR A 366 -14.30 -20.67 -12.47
CA THR A 366 -13.78 -21.62 -13.45
C THR A 366 -12.41 -22.13 -13.06
N PHE A 367 -11.63 -21.36 -12.31
CA PHE A 367 -10.36 -21.88 -11.82
C PHE A 367 -10.57 -22.97 -10.78
N VAL A 368 -11.42 -22.70 -9.78
CA VAL A 368 -11.61 -23.67 -8.70
C VAL A 368 -12.38 -24.89 -9.20
N GLU A 369 -13.36 -24.68 -10.06
CA GLU A 369 -14.18 -25.80 -10.54
C GLU A 369 -13.43 -26.73 -11.47
N ASN A 370 -12.23 -26.37 -11.91
CA ASN A 370 -11.43 -27.23 -12.76
C ASN A 370 -11.13 -28.54 -12.05
N GLN A 371 -11.71 -29.63 -12.53
CA GLN A 371 -11.58 -30.91 -11.83
C GLN A 371 -10.14 -31.39 -11.80
N ASP A 372 -9.33 -31.03 -12.81
CA ASP A 372 -7.96 -31.51 -12.85
C ASP A 372 -7.10 -30.86 -11.76
N ILE A 373 -7.23 -29.55 -11.58
CA ILE A 373 -6.48 -28.89 -10.52
C ILE A 373 -6.96 -29.35 -9.15
N LEU A 374 -8.28 -29.56 -9.01
CA LEU A 374 -8.80 -30.09 -7.75
C LEU A 374 -8.25 -31.47 -7.47
N GLU A 375 -8.11 -32.31 -8.51
CA GLU A 375 -7.49 -33.62 -8.32
C GLU A 375 -6.03 -33.48 -7.92
N PHE A 376 -5.31 -32.54 -8.56
CA PHE A 376 -3.92 -32.30 -8.19
C PHE A 376 -3.79 -31.95 -6.73
N PHE A 377 -4.68 -31.10 -6.22
CA PHE A 377 -4.61 -30.71 -4.81
C PHE A 377 -5.08 -31.83 -3.89
N LYS A 378 -6.14 -32.55 -4.29
CA LYS A 378 -6.66 -33.64 -3.48
C LYS A 378 -5.68 -34.80 -3.36
N VAL A 379 -4.76 -34.94 -4.32
CA VAL A 379 -3.71 -35.94 -4.19
C VAL A 379 -2.91 -35.71 -2.91
N TRP A 380 -2.62 -34.45 -2.61
CA TRP A 380 -1.81 -34.10 -1.43
C TRP A 380 -2.67 -33.75 -0.22
N GLY A 381 -3.90 -34.25 -0.16
CA GLY A 381 -4.71 -34.17 1.04
C GLY A 381 -5.54 -32.91 1.19
N LEU A 382 -5.43 -31.94 0.30
CA LEU A 382 -6.21 -30.70 0.38
C LEU A 382 -7.37 -30.81 -0.60
N ASP A 383 -8.58 -30.98 -0.07
CA ASP A 383 -9.79 -31.05 -0.87
C ASP A 383 -10.45 -29.67 -0.80
N ILE A 384 -10.27 -28.89 -1.86
CA ILE A 384 -10.89 -27.57 -1.95
C ILE A 384 -12.34 -27.75 -2.40
N ASP A 385 -13.26 -27.08 -1.72
CA ASP A 385 -14.67 -27.12 -2.10
C ASP A 385 -14.93 -26.01 -3.12
N SER A 386 -15.47 -26.40 -4.28
CA SER A 386 -15.68 -25.44 -5.36
C SER A 386 -16.70 -24.37 -5.01
N ARG A 387 -17.59 -24.64 -4.05
CA ARG A 387 -18.58 -23.67 -3.66
C ARG A 387 -17.92 -22.53 -2.88
N MET A 388 -18.73 -21.55 -2.48
CA MET A 388 -18.25 -20.37 -1.78
C MET A 388 -19.00 -20.24 -0.46
N ILE A 389 -18.39 -19.53 0.48
CA ILE A 389 -18.95 -19.42 1.83
C ILE A 389 -20.26 -18.63 1.77
N SER A 390 -21.36 -19.31 2.09
CA SER A 390 -22.63 -18.61 2.22
C SER A 390 -22.55 -17.64 3.39
N MET A 391 -23.21 -16.49 3.24
CA MET A 391 -22.86 -15.36 4.09
C MET A 391 -23.92 -14.27 3.96
N SER A 392 -24.24 -13.63 5.08
CA SER A 392 -25.19 -12.53 5.12
C SER A 392 -24.53 -11.33 5.78
N GLY A 393 -24.50 -10.20 5.07
CA GLY A 393 -23.89 -8.99 5.55
C GLY A 393 -24.91 -8.01 6.11
N ILE A 394 -24.39 -6.90 6.63
CA ILE A 394 -25.19 -5.83 7.22
C ILE A 394 -24.80 -4.52 6.57
N LYS A 395 -25.79 -3.75 6.14
CA LYS A 395 -25.56 -2.44 5.52
C LYS A 395 -25.66 -1.35 6.58
N LEU A 396 -24.64 -0.51 6.67
CA LEU A 396 -24.64 0.56 7.64
C LEU A 396 -25.68 1.62 7.29
N PRO A 397 -26.17 2.35 8.28
CA PRO A 397 -27.21 3.36 8.00
C PRO A 397 -26.72 4.41 7.02
N SER A 398 -27.65 4.91 6.21
CA SER A 398 -27.32 5.91 5.20
C SER A 398 -26.81 7.18 5.85
N LEU A 399 -25.85 7.83 5.19
CA LEU A 399 -25.18 9.00 5.72
C LEU A 399 -25.53 10.22 4.86
N GLU A 400 -25.73 11.36 5.54
CA GLU A 400 -26.11 12.61 4.89
C GLU A 400 -24.99 13.62 5.08
N ILE A 401 -24.52 14.20 3.98
CA ILE A 401 -23.48 15.21 4.03
C ILE A 401 -24.13 16.58 4.05
N GLN A 402 -23.51 17.50 4.80
CA GLN A 402 -24.02 18.85 4.93
C GLN A 402 -22.88 19.85 4.73
N THR A 403 -23.22 21.01 4.20
CA THR A 403 -22.29 22.11 4.03
C THR A 403 -22.96 23.38 4.52
N GLN A 404 -22.30 24.52 4.31
CA GLN A 404 -22.86 25.81 4.71
C GLN A 404 -24.03 26.24 3.84
N THR A 405 -24.30 25.55 2.73
CA THR A 405 -25.34 25.99 1.81
C THR A 405 -26.61 25.16 1.96
N GLY A 406 -26.51 23.84 1.83
CA GLY A 406 -27.67 22.96 1.85
C GLY A 406 -27.33 21.61 2.45
N VAL A 407 -28.36 20.79 2.63
CA VAL A 407 -28.20 19.42 3.11
C VAL A 407 -28.61 18.46 1.99
N PHE A 408 -27.71 17.54 1.66
CA PHE A 408 -27.91 16.62 0.54
C PHE A 408 -27.56 15.19 0.95
N PRO A 409 -28.55 14.33 1.22
CA PRO A 409 -28.24 12.95 1.59
C PRO A 409 -27.60 12.18 0.44
N ILE A 410 -26.80 11.17 0.80
CA ILE A 410 -26.19 10.31 -0.21
C ILE A 410 -27.19 9.27 -0.72
N ASN A 411 -27.80 8.53 0.19
CA ASN A 411 -28.75 7.46 -0.10
C ASN A 411 -28.04 6.45 -1.01
N PHE A 412 -28.74 5.85 -1.98
CA PHE A 412 -28.13 4.82 -2.81
C PHE A 412 -27.14 5.42 -3.81
N GLU A 413 -25.97 4.78 -3.90
CA GLU A 413 -24.87 5.17 -4.80
C GLU A 413 -24.61 6.67 -4.59
N GLN A 414 -24.36 7.44 -5.65
CA GLN A 414 -24.10 8.88 -5.55
C GLN A 414 -22.99 9.16 -4.55
N SER A 415 -21.94 8.34 -4.57
CA SER A 415 -20.87 8.40 -3.60
C SER A 415 -19.75 9.37 -4.00
N ASN A 416 -20.03 10.29 -4.92
CA ASN A 416 -19.11 11.37 -5.27
C ASN A 416 -19.90 12.65 -5.28
N TRP A 417 -19.34 13.73 -4.73
CA TRP A 417 -20.12 14.95 -4.58
C TRP A 417 -19.28 16.18 -4.96
N LEU A 418 -18.59 16.09 -6.10
CA LEU A 418 -17.92 17.26 -6.66
C LEU A 418 -18.92 18.33 -7.07
N SER A 419 -20.10 17.92 -7.55
CA SER A 419 -21.12 18.89 -7.94
C SER A 419 -21.56 19.71 -6.73
N LEU A 420 -21.71 19.06 -5.58
CA LEU A 420 -22.07 19.76 -4.36
C LEU A 420 -21.07 20.88 -4.08
N LEU A 421 -19.78 20.57 -4.10
CA LEU A 421 -18.78 21.57 -3.75
C LEU A 421 -18.63 22.63 -4.83
N ASN A 422 -18.89 22.29 -6.09
CA ASN A 422 -18.85 23.27 -7.16
C ASN A 422 -20.07 24.18 -7.19
N ARG A 423 -21.19 23.77 -6.61
CA ARG A 423 -22.40 24.58 -6.63
C ARG A 423 -22.74 25.19 -5.28
N SER A 424 -21.89 24.99 -4.27
CA SER A 424 -22.21 25.46 -2.92
C SER A 424 -21.02 26.18 -2.30
N GLN A 425 -21.12 26.47 -1.01
CA GLN A 425 -20.07 27.14 -0.27
C GLN A 425 -19.37 26.14 0.65
N VAL A 426 -18.38 26.64 1.38
CA VAL A 426 -17.57 25.84 2.29
C VAL A 426 -17.96 26.20 3.72
N ILE A 427 -17.54 25.36 4.67
CA ILE A 427 -17.91 25.59 6.06
C ILE A 427 -16.97 26.58 6.71
N ASP A 428 -15.68 26.24 6.79
CA ASP A 428 -14.69 27.08 7.43
C ASP A 428 -13.64 27.50 6.40
N ALA A 429 -13.43 28.81 6.28
CA ALA A 429 -12.45 29.32 5.34
C ALA A 429 -11.88 30.64 5.87
N PRO A 430 -10.57 30.75 5.99
CA PRO A 430 -9.97 32.00 6.44
C PRO A 430 -9.71 32.96 5.30
N GLU A 431 -9.85 34.24 5.60
CA GLU A 431 -9.62 35.28 4.61
C GLU A 431 -8.17 35.26 4.17
N LEU A 432 -7.95 35.31 2.86
CA LEU A 432 -6.61 35.38 2.29
C LEU A 432 -6.33 36.85 1.96
N LYS A 433 -5.33 37.42 2.62
CA LYS A 433 -5.05 38.84 2.51
C LYS A 433 -3.73 39.15 1.81
N LYS A 434 -2.64 38.54 2.26
CA LYS A 434 -1.32 38.89 1.74
C LYS A 434 -0.65 37.68 1.10
N TRP A 435 -1.40 36.95 0.28
CA TRP A 435 -0.84 35.73 -0.31
C TRP A 435 0.01 36.06 -1.53
N MET A 436 0.95 35.17 -1.80
CA MET A 436 1.98 35.32 -2.82
C MET A 436 1.69 34.36 -3.96
N ILE A 437 1.99 34.77 -5.18
CA ILE A 437 1.90 33.90 -6.35
C ILE A 437 3.25 33.91 -7.04
N LEU A 438 3.81 32.72 -7.25
CA LEU A 438 5.13 32.56 -7.85
C LEU A 438 4.98 31.85 -9.18
N TYR A 439 5.49 32.46 -10.24
CA TYR A 439 5.52 31.82 -11.55
C TYR A 439 6.90 31.92 -12.16
N PRO A 440 7.28 30.96 -13.00
CA PRO A 440 8.59 31.02 -13.65
C PRO A 440 8.65 32.16 -14.65
N LYS A 441 9.75 32.89 -14.64
CA LYS A 441 9.91 34.02 -15.54
C LYS A 441 10.51 33.63 -16.88
N LYS A 442 11.16 32.47 -16.96
CA LYS A 442 11.58 31.97 -18.27
C LYS A 442 10.38 31.48 -19.08
N SER A 443 9.49 30.74 -18.45
CA SER A 443 8.22 30.35 -19.09
C SER A 443 7.14 31.39 -18.77
N MET A 444 7.45 32.63 -19.12
CA MET A 444 6.67 33.79 -18.72
C MET A 444 5.39 33.89 -19.53
N SER A 445 4.26 33.95 -18.83
CA SER A 445 2.94 34.16 -19.42
C SER A 445 2.24 35.20 -18.54
N LEU A 446 2.43 36.47 -18.86
CA LEU A 446 2.01 37.54 -17.96
C LEU A 446 0.50 37.63 -17.90
N GLN A 447 -0.15 37.86 -19.04
CA GLN A 447 -1.61 37.98 -19.06
C GLN A 447 -2.26 36.67 -18.66
N GLU A 448 -1.63 35.54 -18.98
CA GLU A 448 -2.14 34.26 -18.51
C GLU A 448 -2.04 34.18 -16.99
N ALA A 449 -0.96 34.69 -16.40
CA ALA A 449 -0.86 34.73 -14.95
C ALA A 449 -1.96 35.61 -14.35
N ARG A 450 -2.21 36.77 -14.96
CA ARG A 450 -3.27 37.65 -14.45
C ARG A 450 -4.63 36.97 -14.52
N LYS A 451 -4.94 36.32 -15.65
CA LYS A 451 -6.23 35.66 -15.78
C LYS A 451 -6.35 34.46 -14.86
N PHE A 452 -5.24 33.76 -14.59
CA PHE A 452 -5.24 32.70 -13.60
C PHE A 452 -5.53 33.24 -12.21
N SER A 453 -4.91 34.37 -11.87
CA SER A 453 -5.23 35.00 -10.59
C SER A 453 -6.70 35.39 -10.53
N ASN A 454 -7.23 35.93 -11.62
CA ASN A 454 -8.62 36.39 -11.63
C ASN A 454 -9.60 35.23 -11.48
N ASP A 455 -9.36 34.12 -12.19
CA ASP A 455 -10.31 33.02 -12.10
C ASP A 455 -10.15 32.28 -10.78
N PHE A 456 -8.93 32.22 -10.24
CA PHE A 456 -8.75 31.72 -8.89
C PHE A 456 -9.55 32.56 -7.89
N GLN A 457 -9.49 33.88 -8.04
CA GLN A 457 -10.24 34.77 -7.15
C GLN A 457 -11.74 34.52 -7.27
N LYS A 458 -12.24 34.41 -8.50
CA LYS A 458 -13.69 34.28 -8.67
C LYS A 458 -14.18 32.91 -8.20
N ILE A 459 -13.38 31.86 -8.38
CA ILE A 459 -13.78 30.55 -7.87
C ILE A 459 -13.72 30.53 -6.36
N ALA A 460 -12.71 31.16 -5.76
CA ALA A 460 -12.65 31.24 -4.30
C ALA A 460 -13.84 32.00 -3.75
N GLN A 461 -14.23 33.09 -4.41
CA GLN A 461 -15.43 33.82 -4.01
C GLN A 461 -16.66 32.94 -4.14
N GLN A 462 -16.74 32.16 -5.22
CA GLN A 462 -17.86 31.24 -5.40
C GLN A 462 -17.87 30.15 -4.33
N MET A 463 -16.69 29.77 -3.83
CA MET A 463 -16.59 28.72 -2.83
C MET A 463 -16.82 29.22 -1.41
N GLY A 464 -17.05 30.51 -1.24
CA GLY A 464 -17.24 31.09 0.08
C GLY A 464 -15.97 31.51 0.78
N MET A 465 -14.82 31.32 0.16
CA MET A 465 -13.54 31.74 0.74
C MET A 465 -13.24 33.15 0.24
N VAL A 466 -13.35 34.13 1.14
CA VAL A 466 -13.05 35.50 0.78
C VAL A 466 -11.57 35.65 0.50
N CYS A 467 -11.23 36.25 -0.64
CA CYS A 467 -9.85 36.31 -1.10
C CYS A 467 -9.52 37.71 -1.59
N ARG A 468 -8.23 38.04 -1.54
CA ARG A 468 -7.67 39.32 -1.95
C ARG A 468 -6.72 39.13 -3.12
N PRO A 469 -6.49 40.17 -3.92
CA PRO A 469 -5.53 40.07 -5.02
C PRO A 469 -4.15 39.70 -4.52
N PRO A 470 -3.44 38.81 -5.21
CA PRO A 470 -2.12 38.39 -4.75
C PRO A 470 -1.03 39.29 -5.30
N GLN A 471 0.22 38.90 -5.01
CA GLN A 471 1.40 39.56 -5.56
C GLN A 471 1.99 38.65 -6.62
N LEU A 472 1.59 38.85 -7.87
CA LEU A 472 2.10 38.05 -8.98
C LEU A 472 3.58 38.35 -9.15
N GLN A 473 4.44 37.35 -8.94
CA GLN A 473 5.88 37.54 -9.04
C GLN A 473 6.51 36.40 -9.82
N GLY A 474 7.38 36.75 -10.76
CA GLY A 474 8.05 35.79 -11.62
C GLY A 474 9.53 35.67 -11.25
N VAL A 475 10.03 34.44 -11.31
CA VAL A 475 11.41 34.15 -10.92
C VAL A 475 12.07 33.32 -12.02
N PHE A 476 13.35 33.58 -12.28
CA PHE A 476 14.15 32.66 -13.07
C PHE A 476 14.42 31.37 -12.30
N ASP A 477 14.83 31.50 -11.04
CA ASP A 477 15.35 30.35 -10.29
C ASP A 477 14.23 29.48 -9.74
N MET A 478 13.11 30.09 -9.32
CA MET A 478 11.96 29.41 -8.75
C MET A 478 12.28 28.81 -7.39
N THR A 479 13.53 28.91 -6.95
CA THR A 479 13.95 28.45 -5.64
C THR A 479 14.70 29.51 -4.85
N LYS A 480 15.53 30.33 -5.53
CA LYS A 480 16.33 31.31 -4.82
C LYS A 480 15.51 32.52 -4.37
N PHE A 481 14.36 32.77 -5.00
CA PHE A 481 13.50 33.86 -4.55
C PHE A 481 13.07 33.64 -3.11
N LEU A 482 12.69 32.42 -2.77
CA LEU A 482 12.26 32.13 -1.41
C LEU A 482 13.44 32.21 -0.44
N ALA A 483 14.65 31.90 -0.90
CA ALA A 483 15.83 32.10 -0.07
C ALA A 483 16.05 33.59 0.22
N ILE A 484 15.89 34.43 -0.79
CA ILE A 484 15.99 35.88 -0.57
C ILE A 484 14.88 36.33 0.37
N LEU A 485 13.69 35.74 0.22
CA LEU A 485 12.56 36.07 1.08
C LEU A 485 12.86 35.73 2.53
N LYS A 486 13.47 34.57 2.78
CA LYS A 486 13.82 34.20 4.15
C LYS A 486 14.98 35.04 4.66
N LYS A 487 15.82 35.56 3.77
CA LYS A 487 16.95 36.38 4.21
C LYS A 487 16.50 37.74 4.71
N ASN A 488 15.38 38.25 4.21
CA ASN A 488 14.88 39.57 4.60
C ASN A 488 13.46 39.48 5.14
N PRO A 489 13.26 39.13 6.41
CA PRO A 489 11.92 39.16 7.00
C PRO A 489 11.21 40.50 6.86
N SER A 490 11.95 41.60 7.08
CA SER A 490 11.32 42.91 7.17
C SER A 490 10.75 43.37 5.82
N GLN A 491 11.56 43.28 4.76
CA GLN A 491 11.12 43.77 3.46
C GLN A 491 9.99 42.92 2.91
N HIS A 492 10.07 41.60 3.08
CA HIS A 492 9.11 40.68 2.48
C HIS A 492 7.94 40.36 3.41
N HIS A 493 8.00 40.76 4.67
CA HIS A 493 6.93 40.51 5.64
C HIS A 493 6.59 39.02 5.70
N ILE A 494 7.56 38.23 6.16
CA ILE A 494 7.39 36.78 6.17
C ILE A 494 6.24 36.36 7.07
N ASN A 495 6.03 37.05 8.20
CA ASN A 495 4.94 36.70 9.08
C ASN A 495 3.59 37.13 8.51
N SER A 496 3.59 38.11 7.62
CA SER A 496 2.35 38.60 7.04
C SER A 496 1.80 37.65 5.98
N ILE A 497 2.68 36.96 5.25
CA ILE A 497 2.23 36.06 4.19
C ILE A 497 1.54 34.85 4.80
N GLN A 498 0.36 34.52 4.29
CA GLN A 498 -0.40 33.38 4.77
C GLN A 498 -0.33 32.18 3.85
N LEU A 499 0.07 32.37 2.60
CA LEU A 499 0.10 31.30 1.62
C LEU A 499 0.89 31.76 0.41
N ILE A 500 1.74 30.89 -0.12
CA ILE A 500 2.57 31.20 -1.29
C ILE A 500 2.28 30.14 -2.35
N LEU A 501 1.33 30.44 -3.23
CA LEU A 501 1.06 29.58 -4.38
C LEU A 501 2.27 29.54 -5.30
N THR A 502 2.59 28.34 -5.79
CA THR A 502 3.78 28.13 -6.60
C THR A 502 3.40 27.45 -7.91
N ILE A 503 4.01 27.88 -9.01
CA ILE A 503 3.85 27.25 -10.31
C ILE A 503 5.24 26.89 -10.80
N THR A 504 5.53 25.59 -10.93
CA THR A 504 6.79 25.15 -11.50
C THR A 504 6.52 24.31 -12.73
N PRO A 505 7.17 24.59 -13.86
CA PRO A 505 6.88 23.87 -15.10
C PRO A 505 7.69 22.60 -15.31
N ASN A 506 8.62 22.27 -14.41
CA ASN A 506 9.56 21.19 -14.63
C ASN A 506 9.16 19.84 -14.03
N ARG A 507 8.30 19.83 -13.01
CA ARG A 507 7.81 18.61 -12.37
C ARG A 507 8.93 17.82 -11.68
N ASN A 508 10.16 18.34 -11.69
CA ASN A 508 11.27 17.63 -11.06
C ASN A 508 11.03 17.50 -9.57
N LYS A 509 11.43 16.34 -9.02
CA LYS A 509 11.19 16.04 -7.62
C LYS A 509 12.18 16.72 -6.68
N THR A 510 13.17 17.43 -7.21
CA THR A 510 14.11 18.15 -6.35
C THR A 510 13.63 19.56 -6.04
N CYS A 511 13.19 20.30 -7.06
CA CYS A 511 12.67 21.64 -6.84
C CYS A 511 11.42 21.62 -5.97
N TYR A 512 10.51 20.69 -6.25
CA TYR A 512 9.27 20.58 -5.47
C TYR A 512 9.57 20.29 -4.00
N ARG A 513 10.45 19.32 -3.76
CA ARG A 513 10.83 19.01 -2.38
C ARG A 513 11.54 20.20 -1.75
N LYS A 514 12.38 20.90 -2.51
CA LYS A 514 13.08 22.05 -1.96
C LYS A 514 12.12 23.13 -1.50
N ILE A 515 11.12 23.46 -2.33
CA ILE A 515 10.19 24.52 -1.95
C ILE A 515 9.32 24.09 -0.79
N LYS A 516 8.82 22.85 -0.81
CA LYS A 516 7.98 22.41 0.30
C LYS A 516 8.75 22.25 1.60
N GLN A 517 10.05 21.98 1.55
CA GLN A 517 10.81 21.90 2.79
C GLN A 517 11.23 23.28 3.28
N LEU A 518 11.53 24.21 2.37
CA LEU A 518 12.01 25.52 2.79
C LEU A 518 10.86 26.38 3.29
N CYS A 519 9.69 26.27 2.66
CA CYS A 519 8.55 27.06 3.13
C CYS A 519 8.03 26.59 4.48
N TYR A 520 8.33 25.35 4.87
CA TYR A 520 7.80 24.78 6.09
C TYR A 520 8.80 24.72 7.24
N ARG A 521 10.10 24.64 6.94
CA ARG A 521 11.12 24.61 7.98
C ARG A 521 11.65 25.98 8.34
N ASP A 522 11.69 26.92 7.38
CA ASP A 522 12.29 28.22 7.61
C ASP A 522 11.28 29.35 7.78
N LEU A 523 10.26 29.42 6.93
CA LEU A 523 9.28 30.49 6.97
C LEU A 523 8.00 30.11 7.71
N GLY A 524 7.51 28.88 7.50
CA GLY A 524 6.23 28.52 8.05
C GLY A 524 5.04 29.05 7.29
N ILE A 525 5.20 29.32 6.00
CA ILE A 525 4.11 29.77 5.15
C ILE A 525 3.72 28.61 4.23
N ALA A 526 2.44 28.26 4.24
CA ALA A 526 1.96 27.16 3.43
C ALA A 526 2.05 27.49 1.94
N ASN A 527 2.28 26.45 1.14
CA ASN A 527 2.37 26.61 -0.30
C ASN A 527 1.53 25.53 -0.98
N GLN A 528 1.15 25.83 -2.22
CA GLN A 528 0.46 24.86 -3.07
C GLN A 528 1.16 24.82 -4.42
N ASN A 529 1.38 23.62 -4.93
CA ASN A 529 2.15 23.41 -6.14
C ASN A 529 1.27 22.89 -7.27
N VAL A 530 1.48 23.43 -8.46
CA VAL A 530 0.88 22.92 -9.69
C VAL A 530 1.93 22.96 -10.79
N VAL A 531 1.93 21.94 -11.64
CA VAL A 531 2.84 21.94 -12.78
C VAL A 531 2.21 22.74 -13.93
N LEU A 532 3.01 23.58 -14.57
CA LEU A 532 2.48 24.50 -15.56
C LEU A 532 1.85 23.75 -16.74
N LYS A 533 2.46 22.64 -17.16
CA LYS A 533 1.87 21.84 -18.21
C LYS A 533 0.51 21.32 -17.81
N ASN A 534 0.37 20.89 -16.56
CA ASN A 534 -0.92 20.44 -16.05
C ASN A 534 -1.96 21.55 -16.01
N LEU A 535 -1.54 22.81 -16.12
CA LEU A 535 -2.44 23.95 -16.09
C LEU A 535 -2.75 24.51 -17.47
N ARG A 536 -1.83 24.36 -18.43
CA ARG A 536 -1.99 25.02 -19.72
C ARG A 536 -3.18 24.47 -20.51
N ASP A 537 -3.43 23.18 -20.44
CA ASP A 537 -4.55 22.60 -21.20
C ASP A 537 -5.87 23.09 -20.64
N GLN A 538 -6.89 23.14 -21.51
CA GLN A 538 -8.18 23.72 -21.16
C GLN A 538 -9.24 22.70 -20.79
N LYS A 539 -8.99 21.40 -21.03
CA LYS A 539 -10.02 20.40 -20.78
C LYS A 539 -10.32 20.25 -19.29
N ARG A 540 -9.29 20.23 -18.46
CA ARG A 540 -9.46 20.02 -17.02
C ARG A 540 -8.85 21.17 -16.22
N ARG A 541 -8.71 22.34 -16.85
CA ARG A 541 -8.13 23.49 -16.16
C ARG A 541 -9.03 23.97 -15.02
N MET A 542 -10.30 24.19 -15.32
CA MET A 542 -11.25 24.66 -14.31
C MET A 542 -11.42 23.66 -13.16
N PRO A 543 -11.58 22.36 -13.43
CA PRO A 543 -11.58 21.41 -12.29
C PRO A 543 -10.30 21.45 -11.48
N ILE A 544 -9.15 21.63 -12.13
CA ILE A 544 -7.89 21.69 -11.39
C ILE A 544 -7.86 22.92 -10.49
N ILE A 545 -8.34 24.07 -10.99
CA ILE A 545 -8.35 25.27 -10.18
C ILE A 545 -9.36 25.15 -9.04
N ARG A 546 -10.49 24.51 -9.29
CA ARG A 546 -11.47 24.30 -8.23
C ARG A 546 -10.89 23.40 -7.13
N ASN A 547 -10.19 22.33 -7.52
CA ASN A 547 -9.52 21.50 -6.54
C ASN A 547 -8.40 22.25 -5.84
N LEU A 548 -7.76 23.19 -6.53
CA LEU A 548 -6.78 24.05 -5.89
C LEU A 548 -7.42 24.88 -4.78
N VAL A 549 -8.59 25.46 -5.05
CA VAL A 549 -9.32 26.18 -4.02
C VAL A 549 -9.65 25.25 -2.87
N ARG A 550 -10.08 24.03 -3.19
CA ARG A 550 -10.43 23.06 -2.16
C ARG A 550 -9.25 22.77 -1.25
N GLN A 551 -8.08 22.54 -1.83
CA GLN A 551 -6.90 22.24 -1.04
C GLN A 551 -6.43 23.47 -0.26
N ILE A 552 -6.49 24.65 -0.87
CA ILE A 552 -6.04 25.86 -0.20
C ILE A 552 -6.89 26.14 1.03
N ILE A 553 -8.21 25.88 0.93
CA ILE A 553 -9.08 26.12 2.07
C ILE A 553 -8.60 25.35 3.30
N CYS A 554 -8.20 24.10 3.11
CA CYS A 554 -7.71 23.29 4.23
C CYS A 554 -6.25 23.51 4.54
N LYS A 555 -5.49 24.17 3.66
CA LYS A 555 -4.05 24.25 3.83
C LYS A 555 -3.56 25.59 4.37
N VAL A 556 -4.44 26.53 4.70
CA VAL A 556 -4.06 27.84 5.20
C VAL A 556 -4.56 27.98 6.63
N PRO A 557 -3.71 28.40 7.57
CA PRO A 557 -4.15 28.50 8.97
C PRO A 557 -5.23 29.57 9.15
N ASN A 558 -6.13 29.31 10.09
CA ASN A 558 -7.12 30.30 10.47
C ASN A 558 -6.55 31.23 11.54
N PHE A 559 -7.05 32.47 11.55
CA PHE A 559 -6.56 33.44 12.52
C PHE A 559 -7.06 33.13 13.93
N ASN A 560 -8.29 32.63 14.05
CA ASN A 560 -8.90 32.50 15.37
C ASN A 560 -8.32 31.32 16.15
N THR A 561 -8.48 30.11 15.62
CA THR A 561 -8.10 28.89 16.33
C THR A 561 -6.86 28.24 15.76
N LYS A 562 -6.18 28.89 14.81
CA LYS A 562 -4.99 28.34 14.15
C LYS A 562 -5.26 26.98 13.52
N TYR A 563 -6.47 26.80 12.99
CA TYR A 563 -6.89 25.55 12.38
C TYR A 563 -6.98 25.71 10.87
N GLY A 564 -7.02 24.57 10.18
CA GLY A 564 -7.29 24.56 8.76
C GLY A 564 -8.77 24.69 8.47
N GLY A 565 -9.08 24.82 7.19
CA GLY A 565 -10.47 24.92 6.78
C GLY A 565 -11.21 23.59 6.87
N ALA A 566 -12.53 23.69 6.85
CA ALA A 566 -13.40 22.52 6.88
C ALA A 566 -14.32 22.56 5.67
N LEU A 567 -14.36 21.46 4.92
CA LEU A 567 -15.10 21.43 3.67
C LEU A 567 -16.55 20.98 3.87
N TRP A 568 -16.76 19.77 4.38
CA TRP A 568 -18.08 19.32 4.78
C TRP A 568 -18.03 18.73 6.17
N LYS A 569 -19.20 18.64 6.80
CA LYS A 569 -19.39 17.86 8.01
C LYS A 569 -20.46 16.80 7.72
N ILE A 570 -20.85 16.08 8.78
CA ILE A 570 -21.89 15.06 8.70
C ILE A 570 -23.08 15.53 9.52
N LYS A 571 -24.28 15.30 9.00
CA LYS A 571 -25.49 15.72 9.71
C LYS A 571 -25.61 15.03 11.06
N ASN A 572 -25.41 13.72 11.10
CA ASN A 572 -25.53 12.94 12.33
C ASN A 572 -24.32 12.00 12.42
N ASN A 573 -23.24 12.50 13.03
CA ASN A 573 -22.07 11.67 13.23
C ASN A 573 -22.33 10.65 14.33
N SER A 574 -22.00 9.39 14.06
CA SER A 574 -22.04 8.37 15.10
C SER A 574 -20.91 8.50 16.08
N ILE A 575 -19.94 9.37 15.81
CA ILE A 575 -18.84 9.64 16.74
C ILE A 575 -19.43 10.16 18.04
N PRO A 576 -19.19 9.50 19.15
CA PRO A 576 -19.75 9.97 20.43
C PRO A 576 -19.13 11.29 20.85
N ASP A 577 -19.91 12.08 21.58
CA ASP A 577 -19.43 13.36 22.08
C ASP A 577 -18.31 13.15 23.09
N LYS A 578 -17.42 14.14 23.18
CA LYS A 578 -16.27 14.10 24.08
C LYS A 578 -15.39 12.89 23.78
N THR A 579 -14.95 12.82 22.52
CA THR A 579 -14.12 11.73 22.04
C THR A 579 -12.96 12.30 21.23
N LEU A 580 -11.77 11.76 21.45
CA LEU A 580 -10.57 12.18 20.73
C LEU A 580 -10.17 11.06 19.77
N ILE A 581 -10.38 11.27 18.48
CA ILE A 581 -10.06 10.27 17.47
C ILE A 581 -8.58 10.40 17.11
N VAL A 582 -7.84 9.31 17.24
CA VAL A 582 -6.40 9.29 17.03
C VAL A 582 -6.10 8.35 15.87
N GLY A 583 -5.40 8.86 14.86
CA GLY A 583 -4.98 8.05 13.74
C GLY A 583 -3.48 8.06 13.59
N ILE A 584 -2.86 6.89 13.61
CA ILE A 584 -1.41 6.76 13.64
C ILE A 584 -0.95 5.89 12.49
N ASP A 585 0.08 6.33 11.78
CA ASP A 585 0.69 5.54 10.73
C ASP A 585 2.20 5.70 10.80
N VAL A 586 2.91 4.83 10.08
CA VAL A 586 4.37 4.84 10.04
C VAL A 586 4.81 4.75 8.59
N TRP A 587 5.72 5.63 8.19
CA TRP A 587 6.40 5.53 6.90
C TRP A 587 7.84 5.12 7.19
N HIS A 588 8.25 3.98 6.69
CA HIS A 588 9.60 3.47 6.90
C HIS A 588 10.41 3.64 5.63
N GLY A 589 11.55 4.31 5.75
CA GLY A 589 12.42 4.57 4.62
C GLY A 589 13.48 3.50 4.43
N LYS A 595 16.09 6.11 9.00
CA LYS A 595 15.29 7.30 9.24
C LYS A 595 13.83 7.06 8.87
N SER A 596 13.10 6.39 9.75
CA SER A 596 11.68 6.11 9.57
C SER A 596 10.88 7.03 10.48
N ILE A 597 9.76 7.53 9.96
CA ILE A 597 8.98 8.56 10.66
C ILE A 597 7.57 8.06 10.90
N ALA A 598 7.10 8.23 12.13
CA ALA A 598 5.74 7.90 12.52
C ALA A 598 4.93 9.19 12.60
N GLY A 599 3.80 9.22 11.88
CA GLY A 599 2.91 10.36 11.87
C GLY A 599 1.66 10.04 12.66
N ILE A 600 1.15 11.05 13.37
CA ILE A 600 -0.01 10.93 14.24
C ILE A 600 -0.93 12.10 13.94
N VAL A 601 -2.24 11.87 14.04
CA VAL A 601 -3.22 12.94 13.92
C VAL A 601 -4.26 12.77 15.02
N PHE A 602 -4.55 13.85 15.73
CA PHE A 602 -5.61 13.88 16.73
C PHE A 602 -6.74 14.77 16.24
N SER A 603 -7.96 14.36 16.56
CA SER A 603 -9.15 15.14 16.20
C SER A 603 -10.05 15.18 17.43
N THR A 604 -10.17 16.38 18.01
CA THR A 604 -11.09 16.57 19.14
C THR A 604 -12.53 16.63 18.65
N ASP A 605 -12.78 17.32 17.54
CA ASP A 605 -14.11 17.32 16.95
C ASP A 605 -14.35 16.01 16.23
N LYS A 606 -15.58 15.81 15.79
CA LYS A 606 -15.97 14.54 15.21
C LYS A 606 -15.39 14.37 13.82
N GLY A 607 -14.07 14.25 13.73
CA GLY A 607 -13.40 14.03 12.47
C GLY A 607 -13.47 15.18 11.49
N LEU A 608 -13.29 16.41 11.97
CA LEU A 608 -13.35 17.59 11.11
C LEU A 608 -11.99 18.27 10.96
N HIS A 609 -11.29 18.50 12.07
CA HIS A 609 -9.98 19.13 12.03
C HIS A 609 -8.98 18.20 12.72
N TYR A 610 -7.79 18.10 12.13
CA TYR A 610 -6.75 17.22 12.63
C TYR A 610 -5.51 18.03 12.96
N THR A 611 -5.00 17.83 14.18
CA THR A 611 -3.80 18.52 14.66
C THR A 611 -2.66 17.52 14.65
N ALA A 612 -1.95 17.46 13.52
CA ALA A 612 -0.98 16.40 13.30
C ALA A 612 0.26 16.57 14.18
N ASN A 613 1.07 15.53 14.21
CA ASN A 613 2.33 15.50 14.92
C ASN A 613 3.17 14.38 14.33
N TYR A 614 4.47 14.40 14.60
CA TYR A 614 5.38 13.44 14.01
C TYR A 614 6.48 13.09 15.00
N THR A 615 7.09 11.93 14.78
CA THR A 615 8.23 11.49 15.59
C THR A 615 9.09 10.56 14.76
N ILE A 616 10.33 10.38 15.20
CA ILE A 616 11.26 9.49 14.53
C ILE A 616 11.20 8.14 15.23
N THR A 617 10.84 7.10 14.48
CA THR A 617 10.83 5.76 15.05
C THR A 617 12.25 5.39 15.48
N PRO A 618 12.41 4.79 16.67
CA PRO A 618 13.78 4.59 17.20
C PRO A 618 14.69 3.79 16.28
N ARG A 619 14.16 2.78 15.57
CA ARG A 619 14.98 1.96 14.69
C ARG A 619 14.38 1.93 13.30
N LYS A 620 15.23 2.14 12.29
CA LYS A 620 14.80 2.02 10.91
C LYS A 620 14.31 0.59 10.64
N GLY A 621 13.18 0.49 9.95
CA GLY A 621 12.55 -0.79 9.68
C GLY A 621 11.64 -1.26 10.79
N LEU A 622 11.99 -0.93 12.03
CA LEU A 622 11.13 -1.25 13.17
C LEU A 622 9.88 -0.38 13.13
N GLU A 623 8.75 -0.96 13.56
CA GLU A 623 7.48 -0.25 13.63
C GLU A 623 7.00 -0.29 15.08
N PHE A 624 7.45 0.68 15.87
CA PHE A 624 7.04 0.78 17.27
C PHE A 624 7.41 2.16 17.78
N ILE A 625 6.42 2.89 18.30
CA ILE A 625 6.67 4.24 18.80
C ILE A 625 7.16 4.16 20.23
N HIS A 626 8.30 4.78 20.51
CA HIS A 626 8.87 4.72 21.86
C HIS A 626 8.06 5.56 22.84
N ASN A 627 7.66 6.77 22.44
CA ASN A 627 7.09 7.76 23.34
C ASN A 627 5.71 8.18 22.88
N LEU A 628 4.87 7.21 22.52
CA LEU A 628 3.50 7.51 22.13
C LEU A 628 2.73 8.13 23.28
N GLY A 629 2.88 7.57 24.48
CA GLY A 629 2.15 8.09 25.62
C GLY A 629 2.50 9.52 25.95
N LYS A 630 3.78 9.89 25.77
CA LYS A 630 4.20 11.25 26.06
C LYS A 630 3.47 12.24 25.16
N ILE A 631 3.52 12.01 23.84
CA ILE A 631 2.91 12.94 22.89
C ILE A 631 1.39 12.85 22.88
N ILE A 632 0.80 11.80 23.43
CA ILE A 632 -0.65 11.76 23.57
C ILE A 632 -1.10 12.50 24.84
N ILE A 633 -0.43 12.26 25.96
CA ILE A 633 -0.77 12.98 27.18
C ILE A 633 -0.46 14.46 27.03
N THR A 634 0.52 14.82 26.21
CA THR A 634 0.77 16.23 25.94
C THR A 634 -0.43 16.88 25.27
N GLN A 635 -1.03 16.20 24.28
CA GLN A 635 -2.19 16.76 23.61
C GLN A 635 -3.41 16.76 24.51
N LEU A 636 -3.55 15.74 25.37
CA LEU A 636 -4.64 15.75 26.34
C LEU A 636 -4.49 16.93 27.31
N GLN A 637 -3.27 17.19 27.77
CA GLN A 637 -3.03 18.33 28.64
C GLN A 637 -3.31 19.65 27.92
N ASN A 638 -2.93 19.73 26.65
CA ASN A 638 -3.23 20.93 25.87
C ASN A 638 -4.72 21.16 25.76
N HIS A 639 -5.49 20.09 25.48
CA HIS A 639 -6.94 20.23 25.40
C HIS A 639 -7.53 20.65 26.74
N TYR A 640 -7.04 20.06 27.83
CA TYR A 640 -7.54 20.43 29.15
C TYR A 640 -7.23 21.89 29.48
N ASN A 641 -6.03 22.35 29.12
CA ASN A 641 -5.69 23.75 29.33
C ASN A 641 -6.58 24.66 28.50
N ALA A 642 -6.88 24.26 27.27
CA ALA A 642 -7.66 25.11 26.38
C ALA A 642 -9.12 25.19 26.82
N THR A 643 -9.73 24.06 27.18
CA THR A 643 -11.17 24.00 27.39
C THR A 643 -11.59 23.54 28.78
N ARG A 644 -10.65 23.17 29.65
CA ARG A 644 -10.97 22.65 30.99
C ARG A 644 -11.90 21.44 30.90
N GLN A 645 -11.69 20.61 29.88
CA GLN A 645 -12.50 19.43 29.65
C GLN A 645 -11.61 18.20 29.56
N TYR A 646 -12.16 17.07 29.99
CA TYR A 646 -11.47 15.79 29.98
C TYR A 646 -12.14 14.89 28.97
N PHE A 647 -11.38 14.40 28.00
CA PHE A 647 -11.94 13.54 26.97
C PHE A 647 -12.45 12.24 27.59
N GLU A 648 -13.71 11.90 27.30
CA GLU A 648 -14.25 10.66 27.82
C GLU A 648 -13.69 9.44 27.10
N ASN A 649 -13.49 9.55 25.79
CA ASN A 649 -13.08 8.42 24.96
C ASN A 649 -11.83 8.78 24.18
N ILE A 650 -10.99 7.78 23.95
CA ILE A 650 -9.80 7.92 23.11
C ILE A 650 -9.70 6.72 22.19
N LEU A 651 -10.07 6.89 20.92
CA LEU A 651 -10.02 5.82 19.93
C LEU A 651 -8.72 5.92 19.15
N ILE A 652 -8.01 4.80 19.04
CA ILE A 652 -6.71 4.76 18.36
C ILE A 652 -6.88 3.91 17.11
N PHE A 653 -6.95 4.56 15.95
CA PHE A 653 -7.10 3.86 14.68
C PHE A 653 -5.74 3.63 14.03
N ARG A 654 -4.87 2.94 14.76
CA ARG A 654 -3.52 2.67 14.29
C ARG A 654 -3.56 1.81 13.03
N ASP A 655 -2.60 2.06 12.14
CA ASP A 655 -2.46 1.33 10.90
C ASP A 655 -1.41 0.23 11.02
N GLY A 656 -1.70 -0.92 10.42
CA GLY A 656 -0.75 -2.02 10.44
C GLY A 656 -1.45 -3.33 10.14
N VAL A 657 -0.64 -4.39 10.12
CA VAL A 657 -1.11 -5.75 9.86
C VAL A 657 -0.83 -6.60 11.09
N GLY A 658 -1.90 -7.13 11.69
CA GLY A 658 -1.75 -7.91 12.91
C GLY A 658 -1.24 -9.32 12.67
N ASN A 659 -0.03 -9.43 12.12
CA ASN A 659 0.56 -10.74 11.82
C ASN A 659 1.48 -11.20 12.95
N THR A 660 0.91 -11.24 14.15
CA THR A 660 1.50 -11.78 15.38
C THR A 660 2.67 -10.95 15.88
N GLN A 661 3.10 -9.93 15.16
CA GLN A 661 4.09 -8.99 15.66
C GLN A 661 3.52 -7.62 15.94
N TYR A 662 2.56 -7.17 15.12
CA TYR A 662 1.93 -5.88 15.38
C TYR A 662 1.07 -5.92 16.62
N ASN A 663 0.52 -7.08 16.98
CA ASN A 663 -0.26 -7.18 18.21
C ASN A 663 0.61 -6.94 19.43
N LYS A 664 1.81 -7.53 19.45
CA LYS A 664 2.73 -7.31 20.56
C LYS A 664 3.17 -5.85 20.61
N ILE A 665 3.45 -5.26 19.45
CA ILE A 665 3.85 -3.86 19.41
C ILE A 665 2.73 -2.97 19.94
N LEU A 666 1.50 -3.25 19.52
CA LEU A 666 0.37 -2.45 19.95
C LEU A 666 0.12 -2.59 21.44
N GLN A 667 0.29 -3.80 21.98
CA GLN A 667 0.18 -3.98 23.43
C GLN A 667 1.27 -3.21 24.16
N GLU A 668 2.48 -3.19 23.60
CA GLU A 668 3.55 -2.41 24.21
C GLU A 668 3.22 -0.93 24.21
N GLU A 669 2.69 -0.43 23.09
CA GLU A 669 2.27 0.98 23.04
C GLU A 669 1.17 1.26 24.06
N PHE A 670 0.21 0.33 24.19
CA PHE A 670 -0.85 0.50 25.17
C PHE A 670 -0.30 0.57 26.58
N LYS A 671 0.65 -0.31 26.91
CA LYS A 671 1.25 -0.26 28.23
C LYS A 671 2.02 1.04 28.44
N SER A 672 2.69 1.53 27.39
CA SER A 672 3.41 2.79 27.51
C SER A 672 2.46 3.94 27.79
N ILE A 673 1.35 4.02 27.05
CA ILE A 673 0.40 5.11 27.28
C ILE A 673 -0.28 4.96 28.63
N GLN A 674 -0.52 3.71 29.07
CA GLN A 674 -1.07 3.51 30.40
C GLN A 674 -0.12 4.01 31.48
N GLN A 675 1.17 3.70 31.35
CA GLN A 675 2.16 4.16 32.30
C GLN A 675 2.21 5.69 32.32
N GLU A 676 2.25 6.31 31.15
CA GLU A 676 2.31 7.77 31.08
C GLU A 676 1.07 8.42 31.64
N LEU A 677 -0.11 7.86 31.37
CA LEU A 677 -1.36 8.47 31.79
C LEU A 677 -1.62 8.27 33.28
N THR A 678 -1.23 7.12 33.83
CA THR A 678 -1.30 6.94 35.28
C THR A 678 -0.27 7.83 35.98
N ASN A 679 0.89 8.01 35.35
CA ASN A 679 1.90 8.93 35.88
C ASN A 679 1.42 10.37 35.85
N SER A 680 0.62 10.74 34.85
CA SER A 680 0.10 12.09 34.72
C SER A 680 -0.78 12.45 35.91
N SER A 681 -0.33 13.42 36.71
CA SER A 681 -1.05 13.76 37.94
C SER A 681 -2.45 14.27 37.64
N ILE A 682 -2.59 15.10 36.62
CA ILE A 682 -3.89 15.70 36.31
C ILE A 682 -4.89 14.61 35.89
N PHE A 683 -4.45 13.66 35.07
CA PHE A 683 -5.34 12.67 34.48
C PHE A 683 -5.29 11.32 35.19
N SER A 684 -4.53 11.20 36.28
CA SER A 684 -4.46 9.91 36.96
C SER A 684 -5.81 9.50 37.55
N GLU A 685 -6.47 10.43 38.25
CA GLU A 685 -7.68 10.05 38.98
C GLU A 685 -8.87 9.83 38.05
N LYS A 686 -8.95 10.54 36.91
CA LYS A 686 -9.90 10.19 35.86
C LYS A 686 -9.13 9.70 34.63
N HIS A 687 -9.23 8.41 34.36
CA HIS A 687 -8.57 7.81 33.20
C HIS A 687 -9.51 7.83 32.00
N PRO A 688 -9.16 8.51 30.92
CA PRO A 688 -10.01 8.44 29.71
C PRO A 688 -10.05 7.02 29.17
N LYS A 689 -11.22 6.63 28.69
CA LYS A 689 -11.38 5.28 28.14
C LYS A 689 -10.61 5.14 26.84
N ILE A 690 -10.01 3.97 26.65
CA ILE A 690 -9.09 3.72 25.55
C ILE A 690 -9.71 2.70 24.60
N ALA A 691 -9.48 2.87 23.30
CA ALA A 691 -9.89 1.90 22.30
C ALA A 691 -8.81 1.82 21.23
N ILE A 692 -8.14 0.67 21.15
CA ILE A 692 -7.08 0.44 20.18
C ILE A 692 -7.62 -0.47 19.08
N ILE A 693 -7.75 0.09 17.88
CA ILE A 693 -8.35 -0.59 16.74
C ILE A 693 -7.39 -0.53 15.57
N LEU A 694 -7.12 -1.69 14.98
CA LEU A 694 -6.22 -1.80 13.84
C LEU A 694 -7.04 -1.81 12.55
N VAL A 695 -6.65 -0.97 11.60
CA VAL A 695 -7.23 -0.96 10.27
C VAL A 695 -6.11 -1.28 9.27
N ASN A 696 -6.44 -2.08 8.26
CA ASN A 696 -5.45 -2.65 7.36
C ASN A 696 -5.80 -2.31 5.92
N LYS A 697 -4.76 -2.01 5.13
CA LYS A 697 -4.93 -1.62 3.74
C LYS A 697 -4.56 -2.72 2.75
N ARG A 698 -3.47 -3.44 2.99
CA ARG A 698 -2.98 -4.44 2.04
C ARG A 698 -3.51 -5.80 2.47
N ILE A 699 -4.68 -6.15 1.95
CA ILE A 699 -5.29 -7.46 2.17
C ILE A 699 -5.67 -8.03 0.81
N ASN A 700 -5.71 -9.37 0.73
CA ASN A 700 -6.09 -10.04 -0.54
C ASN A 700 -7.50 -10.60 -0.41
N ARG A 701 -8.31 -10.02 0.49
CA ARG A 701 -9.69 -10.47 0.63
C ARG A 701 -10.61 -9.64 -0.25
N ARG A 702 -11.74 -10.25 -0.62
CA ARG A 702 -12.76 -9.59 -1.42
C ARG A 702 -14.13 -10.04 -0.95
N LEU A 703 -15.14 -9.25 -1.31
CA LEU A 703 -16.54 -9.62 -1.09
C LEU A 703 -17.30 -9.51 -2.40
N PHE A 704 -18.09 -10.52 -2.72
CA PHE A 704 -18.92 -10.52 -3.91
C PHE A 704 -20.38 -10.45 -3.49
N HIS A 705 -21.19 -9.74 -4.27
CA HIS A 705 -22.59 -9.51 -3.93
C HIS A 705 -23.49 -10.17 -4.95
N LYS A 706 -24.61 -10.72 -4.49
CA LYS A 706 -25.59 -11.36 -5.34
C LYS A 706 -26.92 -10.62 -5.24
N ASN A 707 -27.48 -10.25 -6.39
CA ASN A 707 -28.82 -9.70 -6.42
C ASN A 707 -29.83 -10.84 -6.50
N LYS A 708 -31.09 -10.50 -6.75
CA LYS A 708 -32.12 -11.54 -6.88
C LYS A 708 -31.85 -12.41 -8.10
N GLN A 709 -31.43 -11.81 -9.21
CA GLN A 709 -31.19 -12.52 -10.46
C GLN A 709 -29.88 -13.30 -10.47
N GLY A 710 -29.19 -13.38 -9.35
CA GLY A 710 -27.93 -14.12 -9.31
C GLY A 710 -26.85 -13.53 -10.18
N GLN A 711 -26.67 -12.21 -10.14
CA GLN A 711 -25.65 -11.53 -10.92
C GLN A 711 -24.63 -10.92 -9.98
N ILE A 712 -23.35 -11.01 -10.36
CA ILE A 712 -22.29 -10.47 -9.52
C ILE A 712 -22.32 -8.96 -9.57
N LEU A 713 -22.06 -8.32 -8.42
CA LEU A 713 -22.02 -6.88 -8.33
C LEU A 713 -21.12 -6.50 -7.16
N ASN A 714 -20.58 -5.30 -7.22
CA ASN A 714 -19.83 -4.79 -6.09
C ASN A 714 -20.75 -4.69 -4.87
N PRO A 715 -20.26 -4.98 -3.67
CA PRO A 715 -21.09 -4.77 -2.48
C PRO A 715 -21.47 -3.29 -2.35
N LYS A 716 -22.70 -3.05 -1.91
CA LYS A 716 -23.17 -1.68 -1.79
C LYS A 716 -22.31 -0.93 -0.77
N PRO A 717 -21.89 0.31 -1.10
CA PRO A 717 -20.92 0.99 -0.24
C PRO A 717 -21.42 1.16 1.18
N GLY A 718 -20.51 1.01 2.14
CA GLY A 718 -20.85 1.07 3.54
C GLY A 718 -21.28 -0.24 4.14
N THR A 719 -21.44 -1.30 3.34
CA THR A 719 -21.76 -2.61 3.89
C THR A 719 -20.55 -3.18 4.61
N PHE A 720 -20.82 -3.92 5.68
CA PHE A 720 -19.75 -4.49 6.49
C PHE A 720 -20.17 -5.88 6.95
N ILE A 721 -19.21 -6.61 7.51
CA ILE A 721 -19.47 -7.96 8.02
C ILE A 721 -18.48 -8.27 9.12
N GLU A 722 -18.87 -9.21 9.98
CA GLU A 722 -18.01 -9.70 11.05
C GLU A 722 -17.38 -11.02 10.64
N ASP A 723 -16.06 -11.08 10.67
CA ASP A 723 -15.33 -12.27 10.26
C ASP A 723 -15.39 -13.31 11.37
N GLN A 724 -16.19 -14.35 11.16
CA GLN A 724 -16.35 -15.43 12.12
C GLN A 724 -15.60 -16.69 11.71
N TYR A 725 -14.71 -16.61 10.73
CA TYR A 725 -14.03 -17.77 10.18
C TYR A 725 -12.55 -17.81 10.49
N ILE A 726 -11.83 -16.71 10.29
CA ILE A 726 -10.41 -16.67 10.62
C ILE A 726 -10.23 -16.83 12.12
N LYS A 727 -9.25 -17.65 12.51
CA LYS A 727 -8.96 -17.86 13.93
C LYS A 727 -8.05 -16.73 14.42
N SER A 728 -8.67 -15.70 15.00
CA SER A 728 -7.93 -14.58 15.58
C SER A 728 -8.50 -14.29 16.96
N GLU A 729 -7.63 -13.84 17.86
CA GLU A 729 -8.05 -13.56 19.23
C GLU A 729 -8.94 -12.33 19.33
N PHE A 730 -8.83 -11.40 18.39
CA PHE A 730 -9.57 -10.15 18.44
C PHE A 730 -10.67 -10.16 17.39
N SER A 731 -11.68 -9.32 17.61
CA SER A 731 -12.83 -9.25 16.71
C SER A 731 -12.43 -8.52 15.43
N ASN A 732 -12.58 -9.19 14.29
CA ASN A 732 -12.32 -8.58 13.01
C ASN A 732 -13.62 -8.27 12.28
N TYR A 733 -13.57 -7.26 11.42
CA TYR A 733 -14.68 -6.89 10.57
C TYR A 733 -14.13 -6.49 9.22
N TYR A 734 -14.91 -6.73 8.18
CA TYR A 734 -14.55 -6.36 6.82
C TYR A 734 -15.53 -5.30 6.34
N LEU A 735 -14.99 -4.18 5.87
CA LEU A 735 -15.81 -3.02 5.49
C LEU A 735 -15.53 -2.64 4.05
N VAL A 736 -16.59 -2.51 3.26
CA VAL A 736 -16.47 -1.91 1.93
C VAL A 736 -17.07 -0.51 2.00
N PRO A 737 -16.24 0.51 2.21
CA PRO A 737 -16.77 1.86 2.44
C PRO A 737 -17.14 2.61 1.16
N HIS A 738 -16.38 2.39 0.10
CA HIS A 738 -16.42 3.24 -1.08
C HIS A 738 -17.15 2.54 -2.23
N PHE A 739 -17.17 3.23 -3.37
CA PHE A 739 -17.80 2.73 -4.59
C PHE A 739 -16.85 2.93 -5.76
N SER A 740 -16.71 1.88 -6.57
CA SER A 740 -15.92 1.94 -7.79
C SER A 740 -16.80 1.53 -8.96
N ARG A 741 -16.76 2.33 -10.03
CA ARG A 741 -17.64 2.07 -11.17
C ARG A 741 -17.33 0.74 -11.83
N PHE A 742 -16.05 0.42 -12.00
CA PHE A 742 -15.62 -0.78 -12.69
C PHE A 742 -14.79 -1.64 -11.75
N GLY A 743 -15.18 -2.90 -11.60
CA GLY A 743 -14.37 -3.88 -10.90
C GLY A 743 -14.73 -4.02 -9.43
N THR A 744 -14.29 -5.14 -8.87
CA THR A 744 -14.49 -5.41 -7.45
C THR A 744 -13.65 -4.46 -6.61
N THR A 745 -14.22 -4.01 -5.49
CA THR A 745 -13.56 -3.06 -4.61
C THR A 745 -12.97 -3.80 -3.41
N ARG A 746 -11.70 -3.52 -3.11
CA ARG A 746 -11.02 -4.18 -2.01
C ARG A 746 -11.44 -3.56 -0.69
N PRO A 747 -11.95 -4.35 0.25
CA PRO A 747 -12.42 -3.82 1.53
C PRO A 747 -11.24 -3.46 2.44
N ILE A 748 -11.58 -3.10 3.68
CA ILE A 748 -10.60 -2.82 4.72
C ILE A 748 -10.90 -3.69 5.92
N HIS A 749 -9.85 -3.99 6.68
CA HIS A 749 -9.89 -4.95 7.79
C HIS A 749 -9.83 -4.19 9.11
N ILE A 750 -10.98 -4.03 9.75
CA ILE A 750 -11.06 -3.37 11.06
C ILE A 750 -10.82 -4.44 12.12
N SER A 751 -9.70 -4.34 12.83
CA SER A 751 -9.39 -5.26 13.92
C SER A 751 -9.53 -4.49 15.23
N VAL A 752 -10.44 -4.94 16.08
CA VAL A 752 -10.66 -4.29 17.36
C VAL A 752 -9.83 -5.05 18.39
N ILE A 753 -8.58 -4.64 18.56
CA ILE A 753 -7.67 -5.37 19.43
C ILE A 753 -7.99 -5.11 20.90
N TYR A 754 -8.18 -3.85 21.28
CA TYR A 754 -8.41 -3.51 22.68
C TYR A 754 -9.58 -2.55 22.79
N ASN A 755 -10.47 -2.80 23.74
CA ASN A 755 -11.58 -1.90 23.98
C ASN A 755 -11.90 -1.87 25.45
N ASN A 756 -12.26 -0.68 25.94
CA ASN A 756 -12.68 -0.51 27.32
C ASN A 756 -13.96 0.33 27.31
N THR A 757 -14.17 1.02 26.20
CA THR A 757 -15.31 1.92 26.03
C THR A 757 -16.61 1.12 25.99
N LYS A 758 -17.70 1.78 26.40
CA LYS A 758 -18.98 1.08 26.58
C LYS A 758 -19.53 0.53 25.26
N TYR A 759 -19.47 1.33 24.18
CA TYR A 759 -20.13 0.93 22.94
C TYR A 759 -19.48 -0.31 22.34
N VAL A 760 -20.31 -1.16 21.72
CA VAL A 760 -19.87 -2.39 21.09
C VAL A 760 -19.07 -2.05 19.84
N ASN A 761 -18.41 -3.07 19.27
CA ASN A 761 -17.55 -2.87 18.11
C ASN A 761 -18.33 -2.40 16.88
N PHE A 762 -19.64 -2.67 16.83
CA PHE A 762 -20.44 -2.22 15.70
C PHE A 762 -20.38 -0.71 15.55
N GLN A 763 -20.51 0.01 16.66
CA GLN A 763 -20.39 1.46 16.63
C GLN A 763 -19.01 1.90 16.18
N PHE A 764 -17.97 1.13 16.52
CA PHE A 764 -16.64 1.44 16.06
C PHE A 764 -16.52 1.31 14.54
N VAL A 765 -17.12 0.25 13.98
CA VAL A 765 -17.12 0.09 12.52
C VAL A 765 -17.89 1.23 11.87
N GLU A 766 -19.02 1.61 12.46
CA GLU A 766 -19.78 2.75 11.92
C GLU A 766 -18.96 4.03 11.94
N ILE A 767 -18.24 4.27 13.04
CA ILE A 767 -17.38 5.44 13.13
C ILE A 767 -16.33 5.41 12.03
N ALA A 768 -15.69 4.25 11.84
CA ALA A 768 -14.66 4.13 10.81
C ALA A 768 -15.23 4.43 9.42
N ASN A 769 -16.43 3.91 9.15
CA ASN A 769 -17.11 4.25 7.90
C ASN A 769 -17.33 5.75 7.78
N ILE A 770 -17.70 6.38 8.90
CA ILE A 770 -17.93 7.85 8.92
C ILE A 770 -16.61 8.53 8.54
N LEU A 771 -15.52 8.15 9.20
CA LEU A 771 -14.19 8.72 8.86
C LEU A 771 -13.94 8.54 7.37
N CYS A 772 -14.21 7.36 6.84
CA CYS A 772 -14.06 7.12 5.38
C CYS A 772 -14.86 8.18 4.61
N HIS A 773 -16.08 8.49 5.08
CA HIS A 773 -16.95 9.46 4.36
C HIS A 773 -16.66 10.88 4.84
N LEU A 774 -15.39 11.18 5.12
CA LEU A 774 -15.00 12.53 5.61
C LEU A 774 -13.61 12.90 5.08
N ASN A 775 -13.10 12.13 4.11
CA ASN A 775 -11.77 12.41 3.58
C ASN A 775 -11.86 13.67 2.73
N TYR A 776 -11.18 14.74 3.17
CA TYR A 776 -11.29 16.02 2.49
C TYR A 776 -10.55 16.07 1.16
N ASN A 777 -9.56 15.20 0.95
CA ASN A 777 -8.79 15.27 -0.28
C ASN A 777 -9.60 14.83 -1.48
N TRP A 778 -10.42 13.79 -1.32
CA TRP A 778 -11.29 13.30 -2.37
C TRP A 778 -12.72 13.73 -2.08
N ALA A 779 -13.38 14.29 -3.10
CA ALA A 779 -14.71 14.86 -2.90
C ALA A 779 -15.70 13.82 -2.38
N GLY A 780 -15.53 12.57 -2.78
CA GLY A 780 -16.45 11.53 -2.37
C GLY A 780 -15.89 10.57 -1.34
N THR A 781 -16.53 9.42 -1.18
CA THR A 781 -16.08 8.42 -0.23
C THR A 781 -14.76 7.81 -0.68
N VAL A 782 -13.97 7.34 0.29
CA VAL A 782 -12.68 6.75 0.06
C VAL A 782 -12.60 5.41 0.76
N ARG A 783 -11.49 4.70 0.56
CA ARG A 783 -11.34 3.35 1.10
C ARG A 783 -10.86 3.38 2.55
N ILE A 784 -9.73 4.05 2.80
CA ILE A 784 -9.15 4.10 4.13
C ILE A 784 -9.77 5.25 4.91
N PRO A 785 -10.12 5.06 6.19
CA PRO A 785 -10.67 6.18 6.97
C PRO A 785 -9.70 7.35 7.01
N ALA A 786 -10.27 8.56 7.01
CA ALA A 786 -9.46 9.76 6.86
C ALA A 786 -8.40 9.89 7.93
N SER A 787 -8.68 9.45 9.16
CA SER A 787 -7.72 9.60 10.23
C SER A 787 -6.48 8.74 10.04
N VAL A 788 -6.57 7.69 9.24
CA VAL A 788 -5.42 6.82 8.97
C VAL A 788 -4.66 7.30 7.73
N GLU A 789 -5.38 7.64 6.67
CA GLU A 789 -4.72 8.16 5.48
C GLU A 789 -4.05 9.50 5.76
N TYR A 790 -4.63 10.32 6.65
CA TYR A 790 -3.98 11.57 7.03
C TYR A 790 -2.68 11.30 7.76
N ALA A 791 -2.66 10.33 8.66
CA ALA A 791 -1.41 9.97 9.33
C ALA A 791 -0.39 9.47 8.32
N HIS A 792 -0.82 8.62 7.39
CA HIS A 792 0.09 8.15 6.36
C HIS A 792 0.63 9.29 5.53
N LYS A 793 -0.21 10.28 5.24
CA LYS A 793 0.22 11.43 4.45
C LYS A 793 1.20 12.29 5.23
N VAL A 794 0.97 12.46 6.53
CA VAL A 794 1.94 13.14 7.38
C VAL A 794 3.28 12.45 7.29
N ALA A 795 3.28 11.12 7.46
CA ALA A 795 4.53 10.36 7.46
C ALA A 795 5.23 10.46 6.10
N ASP A 796 4.46 10.33 5.01
CA ASP A 796 5.05 10.43 3.68
C ASP A 796 5.63 11.80 3.43
N PHE A 797 4.94 12.86 3.88
CA PHE A 797 5.42 14.22 3.66
C PHE A 797 6.69 14.48 4.44
N ILE A 798 6.73 14.08 5.71
CA ILE A 798 7.91 14.33 6.52
C ILE A 798 9.10 13.53 5.99
N GLY A 799 8.87 12.27 5.59
CA GLY A 799 9.98 11.45 5.14
C GLY A 799 10.50 11.84 3.77
N SER A 800 9.59 11.98 2.79
CA SER A 800 10.00 12.23 1.42
C SER A 800 10.68 13.58 1.27
N ASN A 801 10.17 14.60 1.94
CA ASN A 801 10.69 15.95 1.78
C ASN A 801 11.77 16.30 2.80
N GLN A 802 12.14 15.35 3.67
CA GLN A 802 13.29 15.49 4.56
C GLN A 802 13.18 16.75 5.42
N ILE A 803 12.01 16.95 6.02
CA ILE A 803 11.80 18.10 6.88
C ILE A 803 12.56 17.87 8.19
N THR A 804 13.37 18.84 8.59
CA THR A 804 14.03 18.76 9.89
C THR A 804 13.02 18.94 11.02
N SER A 805 12.18 19.96 10.93
CA SER A 805 11.16 20.21 11.94
C SER A 805 10.15 21.19 11.36
N ILE A 806 8.87 20.82 11.38
CA ILE A 806 7.82 21.70 10.88
C ILE A 806 7.53 22.77 11.92
N ALA A 807 7.30 23.99 11.46
CA ALA A 807 6.99 25.08 12.37
C ALA A 807 5.69 24.77 13.12
N PRO A 808 5.66 25.01 14.44
CA PRO A 808 4.49 24.60 15.24
C PRO A 808 3.18 25.26 14.83
N GLU A 809 3.23 26.45 14.23
CA GLU A 809 1.98 27.12 13.85
C GLU A 809 1.23 26.34 12.79
N LEU A 810 1.94 25.72 11.85
CA LEU A 810 1.30 24.99 10.76
C LEU A 810 0.90 23.57 11.14
N LEU A 811 1.33 23.09 12.32
CA LEU A 811 1.05 21.70 12.69
C LEU A 811 -0.45 21.43 12.73
N GLN A 812 -1.24 22.40 13.19
CA GLN A 812 -2.67 22.22 13.23
C GLN A 812 -3.33 22.29 11.85
N THR A 813 -2.64 22.82 10.86
CA THR A 813 -3.18 22.89 9.51
C THR A 813 -3.08 21.52 8.83
N GLN A 814 -3.88 21.35 7.77
CA GLN A 814 -3.85 20.13 6.97
C GLN A 814 -2.87 20.32 5.81
N PHE A 815 -1.59 20.37 6.17
CA PHE A 815 -0.52 20.60 5.21
C PHE A 815 -0.24 19.39 4.33
N TYR A 816 -0.83 18.23 4.62
CA TYR A 816 -0.52 17.01 3.92
C TYR A 816 -1.40 16.78 2.69
N LEU A 817 -2.41 17.61 2.48
CA LEU A 817 -3.35 17.41 1.39
C LEU A 817 -2.71 17.69 0.03
#